data_5KR5
#
_entry.id   5KR5
#
_cell.length_a   98.451
_cell.length_b   102.538
_cell.length_c   199.781
_cell.angle_alpha   90.00
_cell.angle_beta   90.00
_cell.angle_gamma   90.00
#
_symmetry.space_group_name_H-M   'C 2 2 21'
#
loop_
_entity.id
_entity.type
_entity.pdbx_description
1 polymer '4-aminobutyrate transaminase'
2 non-polymer "PYRIDOXAL-5'-PHOSPHATE"
3 non-polymer 'CALCIUM ION'
4 non-polymer DI(HYDROXYETHYL)ETHER
5 water water
#
_entity_poly.entity_id   1
_entity_poly.type   'polypeptide(L)'
_entity_poly.pdbx_seq_one_letter_code
;MGSSHHHHHHSSGLVPRGSHMTSLEQLLEMDRAHFMHPSTHAYDHASGALPGRIITGGKGIRIEDHEGREYIDAFAGLYC
VNIGYGREEVADAIYEQAKQLAYYHTYVGHSNDPVIELSSRIIEDWAPAGMKKVFYGMSGSDANETQIKLVWYYNNVLGR
PNKKKIIARERSYHGSGIVTGSLTGLPSFHQHFDLPIDRVKHTVCPHWYNAPPGMSEAQFVAYCVEELEKLIAREGADTI
AAFIAEPVMGTGGIVPPPQGYWEAIQAVLRKHDILLIADEVVCGFGRLGSKTGSEHYGIKPDLITVAKGLTSAYAPLSAV
IVSEKVWDVIEKGSREHGVMGHGWTYSGHPVCAAAALANLDILERENLTGNAADVGAYLQQRLHEAFGAHPLVGEVRGVG
MLAALEFMADKGARTPFDPALKVSQKVAAAALEDGLIVRALPHGDILGFAPPLVTTRAEVDEIVAIAKEAFDEVADAVL
;
_entity_poly.pdbx_strand_id   A,B
#
loop_
_chem_comp.id
_chem_comp.type
_chem_comp.name
_chem_comp.formula
CA non-polymer 'CALCIUM ION' 'Ca 2'
PEG non-polymer DI(HYDROXYETHYL)ETHER 'C4 H10 O3'
PLP non-polymer PYRIDOXAL-5'-PHOSPHATE 'C8 H10 N O6 P'
#
# COMPACT_ATOMS: atom_id res chain seq x y z
N SER A 23 -16.17 -22.20 19.74
CA SER A 23 -16.26 -20.87 19.09
C SER A 23 -14.90 -20.28 18.80
N LEU A 24 -13.94 -20.43 19.71
CA LEU A 24 -12.52 -20.25 19.38
C LEU A 24 -12.07 -21.27 18.34
N GLU A 25 -12.60 -22.49 18.47
CA GLU A 25 -12.40 -23.56 17.50
C GLU A 25 -13.02 -23.23 16.15
N GLN A 26 -14.16 -22.55 16.15
CA GLN A 26 -14.82 -22.18 14.89
C GLN A 26 -14.10 -21.01 14.20
N LEU A 27 -13.58 -20.08 14.99
CA LEU A 27 -12.70 -19.04 14.51
C LEU A 27 -11.50 -19.64 13.79
N LEU A 28 -10.83 -20.59 14.44
CA LEU A 28 -9.60 -21.17 13.87
C LEU A 28 -9.89 -21.96 12.59
N GLU A 29 -11.09 -22.53 12.49
CA GLU A 29 -11.49 -23.19 11.26
C GLU A 29 -11.76 -22.19 10.15
N MET A 30 -12.49 -21.13 10.48
CA MET A 30 -12.73 -20.03 9.54
C MET A 30 -11.42 -19.44 9.01
N ASP A 31 -10.47 -19.24 9.93
CA ASP A 31 -9.13 -18.78 9.60
C ASP A 31 -8.50 -19.70 8.58
N ARG A 32 -8.39 -20.98 8.93
CA ARG A 32 -7.80 -22.01 8.05
C ARG A 32 -8.52 -22.08 6.70
N ALA A 33 -9.83 -21.97 6.72
CA ALA A 33 -10.64 -22.07 5.50
C ALA A 33 -10.53 -20.86 4.55
N HIS A 34 -10.39 -19.65 5.12
CA HIS A 34 -10.63 -18.42 4.35
C HIS A 34 -9.59 -17.29 4.44
N PHE A 35 -8.70 -17.29 5.44
CA PHE A 35 -7.73 -16.19 5.61
C PHE A 35 -6.37 -16.57 5.02
N MET A 36 -5.94 -15.87 3.97
CA MET A 36 -4.57 -15.98 3.47
C MET A 36 -3.71 -14.97 4.23
N HIS A 37 -2.85 -15.49 5.09
CA HIS A 37 -2.00 -14.68 5.92
C HIS A 37 -0.79 -14.18 5.14
N PRO A 38 -0.22 -13.06 5.58
CA PRO A 38 1.14 -12.74 5.16
C PRO A 38 2.12 -13.75 5.77
N SER A 39 3.20 -13.99 5.05
CA SER A 39 4.34 -14.74 5.56
C SER A 39 3.94 -15.93 6.43
N THR A 40 3.15 -16.81 5.82
CA THR A 40 2.64 -18.01 6.48
C THR A 40 2.59 -19.14 5.49
N HIS A 41 3.24 -20.25 5.83
CA HIS A 41 3.20 -21.49 5.02
C HIS A 41 1.74 -21.85 4.70
N ALA A 42 1.39 -21.74 3.41
CA ALA A 42 -0.02 -21.78 3.01
C ALA A 42 -0.69 -23.12 3.39
N TYR A 43 -0.06 -24.21 2.98
CA TYR A 43 -0.64 -25.54 3.18
C TYR A 43 -0.62 -25.98 4.66
N ASP A 44 0.53 -25.84 5.31
CA ASP A 44 0.69 -26.15 6.73
C ASP A 44 -0.30 -25.39 7.61
N HIS A 45 -0.53 -24.12 7.29
CA HIS A 45 -1.58 -23.37 7.97
C HIS A 45 -2.98 -23.89 7.66
N ALA A 46 -3.33 -23.99 6.36
CA ALA A 46 -4.68 -24.43 5.98
C ALA A 46 -5.04 -25.81 6.55
N SER A 47 -4.05 -26.70 6.61
CA SER A 47 -4.24 -28.08 7.08
C SER A 47 -4.18 -28.26 8.59
N GLY A 48 -3.80 -27.23 9.34
CA GLY A 48 -3.68 -27.33 10.80
C GLY A 48 -2.31 -27.74 11.32
N ALA A 49 -1.40 -28.13 10.43
CA ALA A 49 -0.02 -28.46 10.83
C ALA A 49 0.73 -27.30 11.48
N LEU A 50 0.46 -26.06 11.03
CA LEU A 50 1.00 -24.84 11.65
C LEU A 50 -0.18 -24.23 12.41
N PRO A 51 -0.21 -24.39 13.75
CA PRO A 51 -1.35 -23.89 14.50
C PRO A 51 -1.42 -22.37 14.52
N GLY A 52 -2.62 -21.84 14.41
CA GLY A 52 -2.85 -20.41 14.48
C GLY A 52 -2.86 -19.88 15.90
N ARG A 53 -2.64 -18.57 16.03
CA ARG A 53 -2.67 -17.90 17.32
C ARG A 53 -3.46 -16.62 17.14
N ILE A 54 -4.51 -16.46 17.94
CA ILE A 54 -5.34 -15.25 17.89
C ILE A 54 -4.93 -14.34 19.04
N ILE A 55 -4.49 -13.14 18.69
CA ILE A 55 -4.15 -12.12 19.67
C ILE A 55 -5.40 -11.24 19.84
N THR A 56 -5.79 -11.01 21.09
CA THR A 56 -7.04 -10.34 21.45
C THR A 56 -6.89 -9.03 22.21
N GLY A 57 -5.78 -8.84 22.91
CA GLY A 57 -5.58 -7.61 23.67
C GLY A 57 -4.13 -7.39 24.04
N GLY A 58 -3.88 -6.27 24.70
CA GLY A 58 -2.53 -5.95 25.14
C GLY A 58 -2.45 -4.63 25.86
N LYS A 59 -1.41 -4.49 26.66
CA LYS A 59 -1.22 -3.31 27.51
C LYS A 59 0.28 -3.13 27.79
N GLY A 60 0.82 -1.93 27.50
CA GLY A 60 2.23 -1.66 27.72
C GLY A 60 3.07 -2.47 26.76
N ILE A 61 3.88 -3.39 27.28
CA ILE A 61 4.71 -4.29 26.46
C ILE A 61 4.22 -5.73 26.44
N ARG A 62 3.02 -5.95 26.98
CA ARG A 62 2.47 -7.29 27.09
C ARG A 62 1.26 -7.44 26.19
N ILE A 63 1.13 -8.61 25.55
CA ILE A 63 -0.06 -8.94 24.79
C ILE A 63 -0.69 -10.19 25.36
N GLU A 64 -1.93 -10.43 24.92
CA GLU A 64 -2.75 -11.53 25.40
C GLU A 64 -3.33 -12.29 24.20
N ASP A 65 -3.32 -13.62 24.26
CA ASP A 65 -3.94 -14.45 23.21
C ASP A 65 -5.39 -14.82 23.61
N HIS A 66 -6.08 -15.61 22.79
CA HIS A 66 -7.54 -15.75 22.92
C HIS A 66 -7.95 -16.45 24.21
N GLU A 67 -7.44 -17.65 24.38
CA GLU A 67 -7.09 -18.25 25.67
C GLU A 67 -7.03 -17.41 26.97
N GLY A 68 -6.11 -16.45 26.97
CA GLY A 68 -5.78 -15.70 28.18
C GLY A 68 -4.32 -15.75 28.55
N ARG A 69 -3.48 -16.47 27.80
CA ARG A 69 -2.05 -16.45 28.03
C ARG A 69 -1.47 -15.05 27.74
N GLU A 70 -0.59 -14.58 28.60
CA GLU A 70 -0.02 -13.27 28.43
C GLU A 70 1.46 -13.40 28.01
N TYR A 71 1.94 -12.47 27.20
CA TYR A 71 3.32 -12.52 26.68
C TYR A 71 3.96 -11.15 26.73
N ILE A 72 5.24 -11.09 27.08
CA ILE A 72 6.04 -9.89 26.87
C ILE A 72 6.44 -9.87 25.39
N ASP A 73 6.00 -8.83 24.69
CA ASP A 73 6.33 -8.66 23.28
C ASP A 73 7.61 -7.84 23.09
N ALA A 74 8.73 -8.53 23.08
CA ALA A 74 10.01 -7.89 22.90
C ALA A 74 10.34 -7.66 21.43
N PHE A 75 9.37 -7.82 20.53
CA PHE A 75 9.52 -7.36 19.14
C PHE A 75 8.53 -6.27 18.74
N ALA A 76 7.72 -5.81 19.69
CA ALA A 76 6.78 -4.71 19.47
C ALA A 76 5.95 -4.89 18.19
N GLY A 77 5.38 -6.07 18.02
CA GLY A 77 4.65 -6.44 16.82
C GLY A 77 5.68 -6.80 15.78
N LEU A 78 6.00 -5.81 14.94
CA LEU A 78 7.07 -5.93 13.96
C LEU A 78 7.82 -4.61 13.94
N TYR A 79 8.70 -4.43 14.94
CA TYR A 79 9.43 -3.17 15.13
C TYR A 79 8.53 -1.94 15.08
N CYS A 80 7.27 -2.06 15.49
CA CYS A 80 6.32 -1.00 15.19
C CYS A 80 5.43 -0.49 16.31
N VAL A 81 5.10 -1.29 17.32
CA VAL A 81 4.25 -0.78 18.42
C VAL A 81 5.10 0.00 19.44
N ASN A 82 5.60 1.14 19.00
CA ASN A 82 6.72 1.79 19.71
C ASN A 82 6.30 2.43 21.03
N ILE A 83 5.11 3.04 21.06
CA ILE A 83 4.58 3.63 22.30
C ILE A 83 3.89 2.60 23.21
N GLY A 84 3.88 1.33 22.82
CA GLY A 84 3.26 0.28 23.60
C GLY A 84 1.80 0.07 23.23
N TYR A 85 1.27 -1.05 23.70
CA TYR A 85 -0.10 -1.49 23.47
C TYR A 85 -1.12 -0.83 24.38
N GLY A 86 -2.37 -0.74 23.90
CA GLY A 86 -3.48 -0.24 24.70
C GLY A 86 -3.50 1.24 25.00
N ARG A 87 -3.02 2.06 24.07
CA ARG A 87 -3.08 3.50 24.26
C ARG A 87 -4.47 4.02 23.95
N GLU A 88 -5.33 4.09 24.96
CA GLU A 88 -6.66 4.68 24.82
C GLU A 88 -6.59 6.11 24.24
N GLU A 89 -5.56 6.87 24.55
CA GLU A 89 -5.39 8.21 23.98
C GLU A 89 -5.41 8.22 22.44
N VAL A 90 -4.78 7.22 21.82
CA VAL A 90 -4.72 7.12 20.37
C VAL A 90 -6.07 6.60 19.84
N ALA A 91 -6.67 5.62 20.53
CA ALA A 91 -8.01 5.15 20.16
C ALA A 91 -9.03 6.29 20.18
N ASP A 92 -8.96 7.18 21.18
CA ASP A 92 -9.81 8.39 21.22
C ASP A 92 -9.53 9.33 20.08
N ALA A 93 -8.25 9.51 19.74
CA ALA A 93 -7.88 10.39 18.63
C ALA A 93 -8.44 9.84 17.31
N ILE A 94 -8.32 8.53 17.12
CA ILE A 94 -8.85 7.82 15.96
C ILE A 94 -10.38 7.96 15.88
N TYR A 95 -11.05 7.63 17.00
CA TYR A 95 -12.48 7.85 17.15
C TYR A 95 -12.95 9.24 16.74
N GLU A 96 -12.31 10.27 17.31
CA GLU A 96 -12.76 11.65 17.10
C GLU A 96 -12.64 12.05 15.63
N GLN A 97 -11.58 11.62 14.97
CA GLN A 97 -11.42 11.91 13.55
C GLN A 97 -12.40 11.09 12.70
N ALA A 98 -12.56 9.81 13.02
CA ALA A 98 -13.49 8.95 12.29
C ALA A 98 -14.90 9.52 12.32
N LYS A 99 -15.25 10.12 13.46
CA LYS A 99 -16.56 10.67 13.69
C LYS A 99 -16.75 11.99 12.97
N GLN A 100 -15.74 12.86 13.03
CA GLN A 100 -15.81 14.17 12.38
C GLN A 100 -15.70 14.08 10.85
N LEU A 101 -14.67 13.40 10.37
CA LEU A 101 -14.48 13.13 8.95
C LEU A 101 -13.46 12.01 8.77
N ALA A 102 -13.94 10.81 8.52
CA ALA A 102 -13.08 9.65 8.39
C ALA A 102 -12.24 9.73 7.11
N TYR A 103 -12.85 10.17 6.01
CA TYR A 103 -12.17 10.29 4.74
C TYR A 103 -12.76 11.34 3.84
N TYR A 104 -11.89 12.20 3.29
CA TYR A 104 -12.05 12.69 1.92
C TYR A 104 -10.71 12.52 1.23
N HIS A 105 -10.67 12.68 -0.07
CA HIS A 105 -9.40 12.54 -0.79
C HIS A 105 -8.54 13.78 -0.65
N THR A 106 -7.26 13.66 -1.00
CA THR A 106 -6.35 14.80 -1.02
C THR A 106 -5.84 15.16 -2.43
N TYR A 107 -6.58 14.71 -3.44
CA TYR A 107 -6.31 15.02 -4.85
C TYR A 107 -6.59 16.49 -5.18
N VAL A 108 -5.97 16.99 -6.24
N VAL A 108 -5.95 16.98 -6.24
CA VAL A 108 -6.18 18.36 -6.74
CA VAL A 108 -6.12 18.34 -6.73
C VAL A 108 -6.18 19.38 -5.61
C VAL A 108 -6.18 19.38 -5.61
N GLY A 109 -5.17 19.32 -4.74
CA GLY A 109 -5.03 20.26 -3.62
C GLY A 109 -6.00 20.17 -2.45
N HIS A 110 -6.78 19.11 -2.34
CA HIS A 110 -7.71 18.96 -1.24
C HIS A 110 -6.96 18.44 -0.04
N SER A 111 -7.50 18.74 1.13
CA SER A 111 -6.78 18.51 2.35
C SER A 111 -7.69 18.24 3.52
N ASN A 112 -7.10 17.80 4.60
CA ASN A 112 -7.78 17.76 5.86
C ASN A 112 -6.78 18.31 6.86
N ASP A 113 -7.23 18.78 8.02
CA ASP A 113 -6.21 19.37 8.90
C ASP A 113 -5.24 18.41 9.57
N PRO A 114 -5.67 17.18 9.99
CA PRO A 114 -4.60 16.36 10.55
C PRO A 114 -3.44 16.15 9.59
N VAL A 115 -3.71 15.94 8.30
CA VAL A 115 -2.61 15.72 7.37
C VAL A 115 -1.72 16.96 7.24
N ILE A 116 -2.31 18.16 7.29
CA ILE A 116 -1.53 19.40 7.24
C ILE A 116 -0.63 19.52 8.46
N GLU A 117 -1.18 19.33 9.66
CA GLU A 117 -0.39 19.42 10.91
C GLU A 117 0.73 18.39 10.95
N LEU A 118 0.41 17.18 10.52
CA LEU A 118 1.35 16.08 10.55
C LEU A 118 2.52 16.36 9.64
N SER A 119 2.24 16.87 8.44
CA SER A 119 3.30 17.18 7.48
C SER A 119 4.27 18.19 8.03
N SER A 120 3.78 19.29 8.59
CA SER A 120 4.68 20.32 9.14
C SER A 120 5.42 19.81 10.39
N ARG A 121 4.75 19.01 11.20
CA ARG A 121 5.42 18.38 12.36
C ARG A 121 6.53 17.40 11.98
N ILE A 122 6.31 16.55 10.97
CA ILE A 122 7.37 15.64 10.49
C ILE A 122 8.59 16.43 10.03
N ILE A 123 8.36 17.50 9.27
CA ILE A 123 9.44 18.33 8.73
C ILE A 123 10.16 19.12 9.82
N GLU A 124 9.40 19.81 10.67
CA GLU A 124 9.99 20.68 11.69
C GLU A 124 10.65 19.91 12.83
N ASP A 125 10.02 18.84 13.28
CA ASP A 125 10.42 18.17 14.52
C ASP A 125 11.13 16.83 14.37
N TRP A 126 10.88 16.09 13.29
CA TRP A 126 11.46 14.74 13.18
C TRP A 126 12.44 14.54 12.06
N ALA A 127 12.30 15.28 10.96
CA ALA A 127 13.14 15.05 9.78
C ALA A 127 14.46 15.78 9.91
N PRO A 128 15.53 15.28 9.27
CA PRO A 128 16.75 16.09 9.25
C PRO A 128 16.57 17.36 8.45
N ALA A 129 17.51 18.29 8.61
CA ALA A 129 17.47 19.58 7.95
C ALA A 129 17.58 19.40 6.44
N GLY A 130 16.95 20.31 5.71
CA GLY A 130 16.90 20.24 4.24
C GLY A 130 15.68 19.53 3.66
N MET A 131 14.89 18.86 4.50
CA MET A 131 13.67 18.17 4.05
C MET A 131 12.57 19.19 3.89
N LYS A 132 11.63 18.93 2.98
CA LYS A 132 10.58 19.91 2.66
C LYS A 132 9.17 19.38 2.60
N LYS A 133 8.93 18.33 1.81
CA LYS A 133 7.60 17.81 1.59
C LYS A 133 7.44 16.36 2.03
N VAL A 134 6.19 16.01 2.31
CA VAL A 134 5.80 14.69 2.75
C VAL A 134 4.63 14.19 1.89
N PHE A 135 4.78 12.99 1.33
CA PHE A 135 3.73 12.29 0.55
C PHE A 135 3.37 11.00 1.27
N TYR A 136 2.08 10.72 1.39
CA TYR A 136 1.60 9.63 2.24
C TYR A 136 1.03 8.44 1.49
N GLY A 137 1.28 7.26 2.06
CA GLY A 137 0.61 6.03 1.69
C GLY A 137 0.23 5.29 2.96
N MET A 138 0.16 3.96 2.89
CA MET A 138 -0.23 3.11 4.02
C MET A 138 0.78 2.05 4.42
N SER A 139 1.81 1.79 3.61
CA SER A 139 2.81 0.76 3.87
C SER A 139 4.22 1.23 3.54
N GLY A 140 5.19 0.70 4.30
CA GLY A 140 6.58 0.79 3.93
C GLY A 140 6.80 0.44 2.47
N SER A 141 6.19 -0.64 2.01
CA SER A 141 6.34 -1.05 0.61
C SER A 141 5.83 0.02 -0.37
N ASP A 142 4.63 0.58 -0.16
CA ASP A 142 4.15 1.60 -1.09
C ASP A 142 4.97 2.88 -1.06
N ALA A 143 5.60 3.16 0.07
CA ALA A 143 6.41 4.35 0.20
C ALA A 143 7.69 4.20 -0.65
N ASN A 144 8.32 3.05 -0.56
CA ASN A 144 9.48 2.77 -1.40
C ASN A 144 9.10 2.67 -2.90
N GLU A 145 7.91 2.15 -3.22
CA GLU A 145 7.38 2.21 -4.59
C GLU A 145 7.37 3.67 -5.07
N THR A 146 6.81 4.56 -4.25
CA THR A 146 6.80 5.99 -4.55
C THR A 146 8.22 6.53 -4.76
N GLN A 147 9.16 6.17 -3.89
CA GLN A 147 10.55 6.62 -4.02
C GLN A 147 11.11 6.34 -5.42
N ILE A 148 10.92 5.11 -5.89
CA ILE A 148 11.48 4.70 -7.19
C ILE A 148 10.83 5.48 -8.34
N LYS A 149 9.50 5.61 -8.29
CA LYS A 149 8.80 6.51 -9.20
C LYS A 149 9.41 7.91 -9.20
N LEU A 150 9.63 8.47 -8.02
CA LEU A 150 10.14 9.84 -7.92
C LEU A 150 11.56 9.98 -8.49
N VAL A 151 12.40 8.98 -8.26
N VAL A 151 12.41 8.99 -8.26
CA VAL A 151 13.77 9.01 -8.78
CA VAL A 151 13.78 9.04 -8.80
C VAL A 151 13.81 8.88 -10.32
C VAL A 151 13.80 8.89 -10.33
N TRP A 152 12.90 8.09 -10.88
CA TRP A 152 12.77 8.00 -12.33
C TRP A 152 12.21 9.30 -12.92
N TYR A 153 11.22 9.88 -12.24
CA TYR A 153 10.62 11.14 -12.68
C TYR A 153 11.67 12.25 -12.68
N TYR A 154 12.37 12.37 -11.56
CA TYR A 154 13.47 13.32 -11.39
C TYR A 154 14.44 13.25 -12.56
N ASN A 155 14.93 12.06 -12.86
CA ASN A 155 15.89 11.94 -13.93
C ASN A 155 15.29 12.23 -15.31
N ASN A 156 14.03 11.85 -15.52
CA ASN A 156 13.39 12.14 -16.81
C ASN A 156 13.19 13.65 -17.02
N VAL A 157 12.76 14.37 -15.98
CA VAL A 157 12.54 15.82 -16.15
C VAL A 157 13.85 16.58 -16.26
N LEU A 158 14.94 16.04 -15.73
CA LEU A 158 16.26 16.62 -15.94
C LEU A 158 16.95 16.22 -17.25
N GLY A 159 16.27 15.47 -18.12
CA GLY A 159 16.85 15.07 -19.40
C GLY A 159 17.91 13.98 -19.28
N ARG A 160 17.77 13.10 -18.29
CA ARG A 160 18.73 12.01 -18.09
C ARG A 160 18.01 10.68 -18.16
N PRO A 161 17.50 10.32 -19.36
CA PRO A 161 16.64 9.14 -19.49
C PRO A 161 17.31 7.80 -19.13
N ASN A 162 18.62 7.73 -19.11
CA ASN A 162 19.31 6.48 -18.78
C ASN A 162 19.71 6.34 -17.30
N LYS A 163 19.63 7.43 -16.54
CA LYS A 163 20.02 7.40 -15.14
C LYS A 163 18.84 6.90 -14.30
N LYS A 164 18.72 5.57 -14.21
CA LYS A 164 17.54 4.91 -13.64
C LYS A 164 17.76 3.71 -12.73
N LYS A 165 18.96 3.14 -12.71
CA LYS A 165 19.20 1.93 -11.94
C LYS A 165 19.20 2.28 -10.45
N ILE A 166 18.83 1.31 -9.63
CA ILE A 166 18.81 1.47 -8.19
C ILE A 166 19.77 0.47 -7.57
N ILE A 167 20.63 0.94 -6.66
CA ILE A 167 21.51 0.07 -5.91
C ILE A 167 20.92 -0.14 -4.53
N ALA A 168 20.73 -1.39 -4.15
CA ALA A 168 20.38 -1.78 -2.78
C ALA A 168 21.46 -2.72 -2.25
N ARG A 169 21.25 -3.33 -1.08
CA ARG A 169 22.29 -4.16 -0.48
C ARG A 169 21.79 -5.55 -0.21
N GLU A 170 22.71 -6.49 -0.31
CA GLU A 170 22.48 -7.83 0.17
C GLU A 170 21.90 -7.77 1.59
N ARG A 171 20.92 -8.63 1.84
CA ARG A 171 20.22 -8.75 3.14
C ARG A 171 19.36 -7.55 3.58
N SER A 172 19.24 -6.55 2.72
CA SER A 172 18.36 -5.45 3.00
C SER A 172 16.90 -5.91 2.97
N TYR A 173 16.05 -5.18 3.68
CA TYR A 173 14.62 -5.31 3.56
C TYR A 173 14.01 -3.96 3.23
N HIS A 174 13.28 -3.90 2.11
CA HIS A 174 12.64 -2.68 1.63
C HIS A 174 11.17 -2.87 1.25
N GLY A 175 10.62 -4.03 1.60
CA GLY A 175 9.24 -4.36 1.22
C GLY A 175 9.10 -5.60 0.38
N SER A 176 7.86 -5.84 -0.01
CA SER A 176 7.36 -7.12 -0.51
C SER A 176 6.53 -7.02 -1.80
N GLY A 177 6.67 -5.94 -2.57
CA GLY A 177 6.11 -5.86 -3.92
C GLY A 177 7.10 -6.35 -4.95
N ILE A 178 6.90 -5.94 -6.19
CA ILE A 178 7.72 -6.39 -7.30
C ILE A 178 8.98 -5.52 -7.37
N VAL A 179 8.81 -4.22 -7.48
CA VAL A 179 9.97 -3.31 -7.44
C VAL A 179 10.59 -3.30 -6.02
N THR A 180 9.78 -3.17 -4.98
CA THR A 180 10.32 -3.08 -3.63
C THR A 180 10.88 -4.43 -3.16
N GLY A 181 10.29 -5.54 -3.61
CA GLY A 181 10.86 -6.87 -3.37
C GLY A 181 12.19 -7.11 -4.09
N SER A 182 12.38 -6.45 -5.23
CA SER A 182 13.69 -6.42 -5.89
C SER A 182 14.74 -5.63 -5.10
N LEU A 183 14.35 -4.51 -4.50
CA LEU A 183 15.24 -3.73 -3.66
C LEU A 183 15.68 -4.58 -2.47
N THR A 184 14.70 -5.26 -1.88
CA THR A 184 14.93 -6.25 -0.82
C THR A 184 16.00 -7.27 -1.24
N GLY A 185 16.98 -7.48 -0.37
CA GLY A 185 18.13 -8.33 -0.67
C GLY A 185 18.05 -9.69 -0.01
N LEU A 186 16.87 -10.13 0.37
CA LEU A 186 16.65 -11.44 0.99
C LEU A 186 15.94 -12.31 -0.03
N PRO A 187 16.48 -13.52 -0.28
CA PRO A 187 16.03 -14.32 -1.42
C PRO A 187 14.59 -14.85 -1.35
N SER A 188 14.06 -15.02 -0.14
CA SER A 188 12.69 -15.47 0.03
C SER A 188 11.67 -14.51 -0.61
N PHE A 189 11.98 -13.22 -0.62
CA PHE A 189 11.12 -12.25 -1.31
C PHE A 189 11.31 -12.24 -2.81
N HIS A 190 12.30 -13.00 -3.29
CA HIS A 190 12.55 -13.14 -4.71
C HIS A 190 11.99 -14.41 -5.28
N GLN A 191 11.94 -15.50 -4.50
CA GLN A 191 11.70 -16.83 -5.08
C GLN A 191 10.32 -16.99 -5.72
N HIS A 192 10.34 -17.46 -6.97
CA HIS A 192 9.16 -17.62 -7.82
C HIS A 192 8.41 -16.31 -8.13
N PHE A 193 9.07 -15.16 -7.96
CA PHE A 193 8.52 -13.87 -8.36
C PHE A 193 9.37 -13.18 -9.42
N ASP A 194 10.39 -13.86 -9.95
CA ASP A 194 11.22 -13.37 -11.06
C ASP A 194 11.96 -12.08 -10.69
N LEU A 195 12.34 -11.97 -9.42
CA LEU A 195 13.00 -10.77 -8.93
C LEU A 195 14.46 -11.13 -8.65
N PRO A 196 15.37 -10.15 -8.57
CA PRO A 196 15.11 -8.73 -8.77
C PRO A 196 14.91 -8.33 -10.23
N ILE A 197 14.18 -7.24 -10.45
CA ILE A 197 14.09 -6.63 -11.77
C ILE A 197 15.48 -6.16 -12.23
N ASP A 198 15.63 -6.02 -13.54
CA ASP A 198 16.92 -5.70 -14.15
C ASP A 198 17.54 -4.36 -13.73
N ARG A 199 16.70 -3.36 -13.45
CA ARG A 199 17.19 -2.06 -12.98
C ARG A 199 17.71 -2.05 -11.51
N VAL A 200 17.55 -3.13 -10.76
CA VAL A 200 18.02 -3.16 -9.37
C VAL A 200 19.29 -4.00 -9.26
N LYS A 201 20.32 -3.42 -8.67
CA LYS A 201 21.60 -4.09 -8.41
C LYS A 201 21.87 -4.08 -6.92
N HIS A 202 22.54 -5.13 -6.43
CA HIS A 202 22.83 -5.27 -5.01
C HIS A 202 24.33 -5.25 -4.75
N THR A 203 24.75 -4.40 -3.82
CA THR A 203 26.14 -4.35 -3.35
C THR A 203 26.20 -5.08 -2.01
N VAL A 204 27.35 -5.02 -1.33
CA VAL A 204 27.59 -5.88 -0.17
C VAL A 204 26.85 -5.45 1.11
N CYS A 205 26.50 -6.46 1.91
CA CYS A 205 25.96 -6.28 3.24
C CYS A 205 27.04 -5.78 4.19
N PRO A 206 26.84 -4.61 4.83
CA PRO A 206 27.82 -4.06 5.77
C PRO A 206 27.75 -4.70 7.15
N HIS A 207 28.03 -6.00 7.22
CA HIS A 207 28.04 -6.71 8.47
C HIS A 207 29.47 -7.15 8.73
N TRP A 208 30.16 -6.37 9.57
CA TRP A 208 31.58 -6.60 9.82
C TRP A 208 31.88 -8.07 10.23
N TYR A 209 31.01 -8.63 11.07
CA TYR A 209 31.19 -9.98 11.54
C TYR A 209 31.28 -11.01 10.42
N ASN A 210 30.72 -10.71 9.25
CA ASN A 210 30.78 -11.61 8.10
C ASN A 210 31.70 -11.11 7.04
N ALA A 211 32.61 -10.22 7.39
CA ALA A 211 33.54 -9.68 6.41
C ALA A 211 34.44 -10.78 5.88
N PRO A 212 35.04 -10.55 4.70
CA PRO A 212 36.11 -11.48 4.34
C PRO A 212 37.12 -11.58 5.49
N PRO A 213 37.57 -12.80 5.81
CA PRO A 213 38.17 -12.98 7.14
C PRO A 213 39.41 -12.09 7.45
N GLY A 214 39.50 -11.64 8.70
CA GLY A 214 40.68 -10.94 9.17
C GLY A 214 40.59 -9.43 9.18
N MET A 215 39.72 -8.85 8.35
CA MET A 215 39.69 -7.39 8.15
C MET A 215 39.40 -6.63 9.41
N SER A 216 40.09 -5.51 9.59
CA SER A 216 39.71 -4.51 10.56
C SER A 216 38.37 -3.88 10.14
N GLU A 217 37.70 -3.25 11.11
CA GLU A 217 36.46 -2.55 10.81
C GLU A 217 36.66 -1.54 9.69
N ALA A 218 37.75 -0.78 9.80
CA ALA A 218 38.10 0.21 8.80
C ALA A 218 38.40 -0.42 7.45
N GLN A 219 39.12 -1.54 7.48
CA GLN A 219 39.35 -2.32 6.26
C GLN A 219 38.06 -2.77 5.59
N PHE A 220 37.10 -3.23 6.39
CA PHE A 220 35.85 -3.77 5.88
C PHE A 220 35.02 -2.64 5.25
N VAL A 221 35.07 -1.45 5.85
CA VAL A 221 34.46 -0.26 5.26
C VAL A 221 35.05 0.01 3.88
N ALA A 222 36.37 0.05 3.82
CA ALA A 222 37.09 0.27 2.56
C ALA A 222 36.75 -0.80 1.51
N TYR A 223 36.58 -2.04 1.95
CA TYR A 223 36.06 -3.10 1.10
C TYR A 223 34.64 -2.79 0.58
N CYS A 224 33.70 -2.44 1.46
CA CYS A 224 32.35 -2.01 1.03
C CYS A 224 32.43 -0.88 0.00
N VAL A 225 33.32 0.09 0.26
CA VAL A 225 33.53 1.22 -0.65
C VAL A 225 34.06 0.76 -2.01
N GLU A 226 35.06 -0.10 -2.02
CA GLU A 226 35.62 -0.57 -3.30
C GLU A 226 34.60 -1.40 -4.09
N GLU A 227 33.83 -2.25 -3.41
CA GLU A 227 32.81 -3.06 -4.06
C GLU A 227 31.74 -2.19 -4.69
N LEU A 228 31.30 -1.16 -3.98
CA LEU A 228 30.40 -0.16 -4.53
C LEU A 228 31.01 0.57 -5.74
N GLU A 229 32.29 0.94 -5.64
CA GLU A 229 33.00 1.62 -6.74
C GLU A 229 33.10 0.71 -7.98
N LYS A 230 33.31 -0.58 -7.74
CA LYS A 230 33.34 -1.56 -8.83
C LYS A 230 31.99 -1.71 -9.54
N LEU A 231 30.93 -1.86 -8.75
CA LEU A 231 29.56 -1.91 -9.28
C LEU A 231 29.26 -0.64 -10.10
N ILE A 232 29.59 0.53 -9.55
CA ILE A 232 29.33 1.78 -10.26
C ILE A 232 30.10 1.85 -11.60
N ALA A 233 31.37 1.44 -11.59
CA ALA A 233 32.18 1.39 -12.81
C ALA A 233 31.61 0.40 -13.85
N ARG A 234 31.24 -0.82 -13.44
CA ARG A 234 30.62 -1.81 -14.33
C ARG A 234 29.32 -1.28 -14.97
N GLU A 235 28.44 -0.75 -14.15
CA GLU A 235 27.14 -0.28 -14.63
C GLU A 235 27.23 1.08 -15.31
N GLY A 236 28.17 1.91 -14.87
CA GLY A 236 28.25 3.31 -15.32
C GLY A 236 27.42 4.19 -14.40
N ALA A 237 28.08 5.17 -13.78
CA ALA A 237 27.45 6.15 -12.88
C ALA A 237 26.31 6.90 -13.55
N ASP A 238 26.53 7.28 -14.80
CA ASP A 238 25.53 7.78 -15.74
C ASP A 238 24.19 7.02 -15.80
N THR A 239 24.18 5.73 -15.43
CA THR A 239 22.99 4.90 -15.44
C THR A 239 22.36 4.63 -14.04
N ILE A 240 22.98 5.14 -12.98
CA ILE A 240 22.52 4.86 -11.62
C ILE A 240 21.82 6.09 -11.03
N ALA A 241 20.52 5.95 -10.78
CA ALA A 241 19.75 7.04 -10.21
C ALA A 241 19.88 7.18 -8.69
N ALA A 242 19.95 6.05 -7.99
CA ALA A 242 19.84 6.06 -6.53
C ALA A 242 20.42 4.84 -5.85
N PHE A 243 20.71 5.03 -4.56
CA PHE A 243 21.20 4.04 -3.64
C PHE A 243 20.22 4.08 -2.49
N ILE A 244 19.66 2.92 -2.11
CA ILE A 244 18.68 2.83 -1.02
C ILE A 244 19.23 1.92 0.07
N ALA A 245 19.06 2.34 1.32
CA ALA A 245 19.56 1.55 2.45
C ALA A 245 18.93 1.89 3.78
N GLU A 246 18.78 0.87 4.61
CA GLU A 246 18.42 1.04 6.01
C GLU A 246 19.64 1.57 6.78
N PRO A 247 19.49 2.61 7.62
CA PRO A 247 20.66 3.02 8.42
C PRO A 247 21.24 1.87 9.27
N VAL A 248 20.32 1.12 9.87
CA VAL A 248 20.61 -0.13 10.55
C VAL A 248 19.72 -1.17 9.91
N MET A 249 20.29 -2.31 9.54
CA MET A 249 19.51 -3.38 8.92
C MET A 249 18.54 -3.99 9.91
N GLY A 250 17.29 -4.16 9.51
CA GLY A 250 16.27 -4.75 10.36
C GLY A 250 16.15 -6.23 10.12
N THR A 251 15.22 -6.61 9.26
CA THR A 251 14.84 -8.00 9.08
C THR A 251 15.98 -8.86 8.58
N GLY A 252 16.96 -8.24 7.91
CA GLY A 252 18.15 -8.96 7.45
C GLY A 252 19.14 -9.40 8.50
N GLY A 253 19.08 -8.78 9.66
CA GLY A 253 19.65 -9.36 10.82
C GLY A 253 19.99 -8.46 11.98
N ILE A 254 19.39 -7.28 12.14
N ILE A 254 19.40 -7.27 12.12
CA ILE A 254 19.78 -6.33 13.22
CA ILE A 254 19.77 -6.34 13.20
C ILE A 254 21.27 -6.09 13.23
C ILE A 254 21.27 -6.08 13.23
N VAL A 255 21.70 -5.34 12.21
CA VAL A 255 23.10 -5.09 11.90
C VAL A 255 23.43 -3.58 11.87
N PRO A 256 24.03 -3.05 12.94
CA PRO A 256 24.50 -1.67 12.85
C PRO A 256 25.57 -1.50 11.78
N PRO A 257 25.66 -0.31 11.19
CA PRO A 257 26.70 -0.11 10.21
C PRO A 257 28.06 -0.04 10.93
N PRO A 258 29.13 -0.50 10.26
CA PRO A 258 30.47 -0.27 10.80
C PRO A 258 30.75 1.20 11.02
N GLN A 259 31.52 1.49 12.06
CA GLN A 259 32.10 2.81 12.27
C GLN A 259 32.70 3.36 11.00
N GLY A 260 32.32 4.57 10.61
CA GLY A 260 32.82 5.19 9.37
C GLY A 260 32.13 4.82 8.05
N TYR A 261 31.22 3.84 8.09
CA TYR A 261 30.56 3.33 6.87
C TYR A 261 29.79 4.43 6.17
N TRP A 262 28.94 5.12 6.92
CA TRP A 262 28.04 6.10 6.32
C TRP A 262 28.73 7.31 5.74
N GLU A 263 29.81 7.75 6.38
CA GLU A 263 30.59 8.88 5.89
C GLU A 263 31.23 8.52 4.55
N ALA A 264 31.85 7.33 4.48
CA ALA A 264 32.53 6.86 3.29
C ALA A 264 31.58 6.56 2.13
N ILE A 265 30.44 5.92 2.42
CA ILE A 265 29.48 5.60 1.37
C ILE A 265 28.90 6.90 0.81
N GLN A 266 28.56 7.83 1.68
CA GLN A 266 28.01 9.10 1.23
C GLN A 266 28.93 9.84 0.26
N ALA A 267 30.23 9.80 0.51
CA ALA A 267 31.21 10.46 -0.37
C ALA A 267 31.22 9.86 -1.77
N VAL A 268 31.10 8.53 -1.85
CA VAL A 268 31.04 7.83 -3.13
C VAL A 268 29.80 8.23 -3.93
N LEU A 269 28.65 8.23 -3.25
CA LEU A 269 27.39 8.59 -3.90
C LEU A 269 27.40 10.03 -4.41
N ARG A 270 27.87 10.95 -3.56
CA ARG A 270 28.01 12.38 -3.95
C ARG A 270 28.91 12.56 -5.16
N LYS A 271 30.03 11.85 -5.17
CA LYS A 271 30.97 11.94 -6.28
C LYS A 271 30.31 11.53 -7.60
N HIS A 272 29.51 10.47 -7.56
CA HIS A 272 28.84 9.97 -8.77
C HIS A 272 27.43 10.53 -9.01
N ASP A 273 27.03 11.54 -8.24
CA ASP A 273 25.73 12.19 -8.37
C ASP A 273 24.57 11.18 -8.32
N ILE A 274 24.62 10.30 -7.31
CA ILE A 274 23.62 9.26 -7.10
C ILE A 274 22.79 9.66 -5.88
N LEU A 275 21.46 9.69 -6.03
CA LEU A 275 20.58 10.07 -4.93
C LEU A 275 20.64 9.01 -3.82
N LEU A 276 20.50 9.46 -2.57
CA LEU A 276 20.51 8.56 -1.43
C LEU A 276 19.11 8.52 -0.81
N ILE A 277 18.56 7.31 -0.71
CA ILE A 277 17.27 7.07 -0.07
C ILE A 277 17.54 6.33 1.22
N ALA A 278 17.21 6.97 2.33
CA ALA A 278 17.26 6.33 3.63
C ALA A 278 15.92 5.67 3.96
N ASP A 279 15.92 4.34 4.06
CA ASP A 279 14.77 3.56 4.50
C ASP A 279 14.76 3.55 6.04
N GLU A 280 13.95 4.46 6.60
CA GLU A 280 13.79 4.64 8.05
C GLU A 280 12.54 3.94 8.57
N VAL A 281 12.05 2.95 7.84
CA VAL A 281 10.83 2.30 8.26
C VAL A 281 10.95 1.72 9.67
N VAL A 282 12.07 1.08 9.97
CA VAL A 282 12.36 0.60 11.33
C VAL A 282 12.99 1.67 12.22
N CYS A 283 14.01 2.36 11.72
CA CYS A 283 14.81 3.29 12.53
C CYS A 283 14.10 4.60 12.86
N GLY A 284 13.03 4.93 12.13
CA GLY A 284 12.33 6.19 12.33
C GLY A 284 11.61 6.34 13.67
N PHE A 285 11.49 7.58 14.11
CA PHE A 285 10.67 7.95 15.27
C PHE A 285 11.10 7.31 16.59
N GLY A 286 12.40 7.40 16.86
CA GLY A 286 12.94 7.15 18.19
C GLY A 286 13.63 5.82 18.41
N ARG A 287 13.46 4.87 17.51
CA ARG A 287 13.89 3.49 17.70
C ARG A 287 15.34 3.33 18.14
N LEU A 288 16.24 4.14 17.58
CA LEU A 288 17.66 4.04 17.90
C LEU A 288 18.12 4.98 19.03
N GLY A 289 17.20 5.73 19.63
CA GLY A 289 17.58 6.78 20.56
C GLY A 289 17.88 8.10 19.92
N SER A 290 17.56 8.21 18.61
CA SER A 290 17.62 9.45 17.86
C SER A 290 16.30 9.58 17.11
N LYS A 291 16.06 10.75 16.54
CA LYS A 291 14.86 10.99 15.73
C LYS A 291 14.73 9.97 14.60
N THR A 292 15.84 9.74 13.90
CA THR A 292 15.94 8.82 12.79
C THR A 292 17.33 8.21 12.80
N GLY A 293 17.48 7.12 12.07
CA GLY A 293 18.79 6.58 11.77
C GLY A 293 19.70 7.57 11.08
N SER A 294 19.12 8.40 10.21
CA SER A 294 19.85 9.46 9.52
C SER A 294 20.51 10.42 10.49
N GLU A 295 19.74 10.93 11.46
CA GLU A 295 20.31 11.79 12.49
C GLU A 295 21.40 11.03 13.25
N HIS A 296 21.06 9.83 13.67
CA HIS A 296 21.95 9.00 14.47
C HIS A 296 23.34 8.84 13.87
N TYR A 297 23.41 8.61 12.56
CA TYR A 297 24.66 8.31 11.85
C TYR A 297 25.18 9.43 10.93
N GLY A 298 24.58 10.62 10.97
CA GLY A 298 25.00 11.74 10.12
C GLY A 298 24.75 11.52 8.62
N ILE A 299 23.64 10.86 8.31
CA ILE A 299 23.27 10.61 6.93
C ILE A 299 22.49 11.82 6.46
N LYS A 300 22.76 12.26 5.24
CA LYS A 300 22.05 13.37 4.61
C LYS A 300 21.34 12.86 3.37
N PRO A 301 20.22 12.18 3.56
CA PRO A 301 19.53 11.61 2.40
C PRO A 301 18.78 12.65 1.57
N ASP A 302 18.57 12.35 0.31
CA ASP A 302 17.74 13.18 -0.57
C ASP A 302 16.27 12.84 -0.34
N LEU A 303 16.02 11.60 0.07
CA LEU A 303 14.69 11.05 0.23
C LEU A 303 14.68 10.12 1.44
N ILE A 304 13.58 10.15 2.19
CA ILE A 304 13.40 9.26 3.34
C ILE A 304 12.07 8.54 3.29
N THR A 305 12.10 7.26 3.63
CA THR A 305 10.91 6.43 3.76
C THR A 305 10.61 6.15 5.24
N VAL A 306 9.36 6.36 5.64
CA VAL A 306 8.92 6.05 7.01
C VAL A 306 7.58 5.32 7.04
N ALA A 307 7.41 4.50 8.08
CA ALA A 307 6.12 3.90 8.42
C ALA A 307 6.22 3.36 9.86
N LYS A 308 5.57 2.24 10.18
CA LYS A 308 5.75 1.56 11.47
C LYS A 308 5.62 2.55 12.65
N GLY A 309 6.74 3.03 13.20
CA GLY A 309 6.71 3.96 14.35
C GLY A 309 6.10 5.33 14.08
N LEU A 310 5.88 5.65 12.81
CA LEU A 310 5.06 6.80 12.44
C LEU A 310 3.71 6.85 13.16
N THR A 311 3.10 5.69 13.34
CA THR A 311 1.82 5.59 14.04
C THR A 311 1.83 4.58 15.18
N SER A 312 2.98 3.95 15.43
CA SER A 312 3.10 2.82 16.32
C SER A 312 2.10 1.71 15.95
N ALA A 313 1.85 1.59 14.64
CA ALA A 313 0.90 0.64 14.08
C ALA A 313 -0.58 0.82 14.48
N TYR A 314 -0.93 1.88 15.21
CA TYR A 314 -2.32 2.10 15.60
C TYR A 314 -3.24 2.30 14.38
N ALA A 315 -2.68 2.85 13.31
CA ALA A 315 -3.35 2.88 12.02
C ALA A 315 -2.28 2.78 10.95
N PRO A 316 -2.62 2.23 9.77
CA PRO A 316 -1.60 2.13 8.75
C PRO A 316 -1.33 3.48 8.11
N LEU A 317 -0.05 3.84 8.07
CA LEU A 317 0.38 5.07 7.42
C LEU A 317 1.85 4.93 7.03
N SER A 318 2.18 5.43 5.85
CA SER A 318 3.56 5.53 5.40
C SER A 318 3.79 6.93 4.91
N ALA A 319 5.06 7.35 4.87
CA ALA A 319 5.39 8.60 4.22
C ALA A 319 6.73 8.56 3.51
N VAL A 320 6.80 9.42 2.51
CA VAL A 320 7.99 9.70 1.76
C VAL A 320 8.33 11.14 2.09
N ILE A 321 9.55 11.37 2.59
CA ILE A 321 9.99 12.70 2.92
C ILE A 321 11.00 13.13 1.85
N VAL A 322 10.77 14.33 1.32
CA VAL A 322 11.44 14.81 0.11
C VAL A 322 12.26 16.05 0.40
N SER A 323 13.54 15.98 0.09
CA SER A 323 14.47 17.12 0.21
C SER A 323 14.07 18.31 -0.66
N GLU A 324 14.56 19.48 -0.26
CA GLU A 324 14.44 20.71 -1.07
C GLU A 324 14.93 20.52 -2.50
N LYS A 325 16.08 19.87 -2.67
CA LYS A 325 16.65 19.68 -3.99
C LYS A 325 15.68 18.91 -4.88
N VAL A 326 15.19 17.79 -4.38
CA VAL A 326 14.32 16.93 -5.16
C VAL A 326 12.96 17.59 -5.34
N TRP A 327 12.44 18.24 -4.31
CA TRP A 327 11.18 18.93 -4.46
C TRP A 327 11.24 20.03 -5.52
N ASP A 328 12.38 20.71 -5.62
CA ASP A 328 12.55 21.76 -6.62
C ASP A 328 12.40 21.20 -8.05
N VAL A 329 12.99 20.04 -8.29
CA VAL A 329 12.86 19.37 -9.57
C VAL A 329 11.42 18.89 -9.83
N ILE A 330 10.75 18.39 -8.79
CA ILE A 330 9.33 18.00 -8.92
C ILE A 330 8.47 19.20 -9.34
N GLU A 331 8.69 20.35 -8.69
CA GLU A 331 7.98 21.59 -9.08
C GLU A 331 8.25 21.92 -10.56
N LYS A 332 9.53 21.87 -10.93
CA LYS A 332 9.96 22.09 -12.31
C LYS A 332 9.26 21.15 -13.30
N GLY A 333 9.22 19.87 -12.95
CA GLY A 333 8.51 18.89 -13.76
C GLY A 333 7.06 19.28 -14.02
N SER A 334 6.38 19.73 -12.96
CA SER A 334 4.99 20.13 -13.07
C SER A 334 4.78 21.36 -13.96
N ARG A 335 5.66 22.35 -13.87
CA ARG A 335 5.53 23.51 -14.75
C ARG A 335 5.67 23.08 -16.21
N GLU A 336 6.67 22.26 -16.52
CA GLU A 336 6.97 21.90 -17.89
C GLU A 336 6.07 20.80 -18.44
N HIS A 337 5.62 19.88 -17.59
CA HIS A 337 4.87 18.71 -18.07
C HIS A 337 3.49 18.54 -17.46
N GLY A 338 3.07 19.48 -16.62
CA GLY A 338 1.79 19.38 -15.94
C GLY A 338 1.81 18.43 -14.75
N VAL A 339 0.62 18.09 -14.28
CA VAL A 339 0.41 17.30 -13.08
C VAL A 339 1.13 15.94 -13.14
N MET A 340 1.91 15.62 -12.10
CA MET A 340 2.51 14.28 -11.97
C MET A 340 1.40 13.24 -11.73
N GLY A 341 1.46 12.14 -12.47
CA GLY A 341 0.46 11.07 -12.35
C GLY A 341 0.80 10.11 -11.23
N HIS A 342 0.61 10.55 -9.99
CA HIS A 342 0.82 9.68 -8.83
C HIS A 342 -0.12 9.97 -7.69
N GLY A 343 -0.74 8.91 -7.18
CA GLY A 343 -1.70 9.04 -6.10
C GLY A 343 -2.30 7.70 -5.68
N TRP A 344 -2.59 7.59 -4.39
CA TRP A 344 -3.34 6.46 -3.84
C TRP A 344 -4.65 7.08 -3.38
N THR A 345 -5.73 6.31 -3.49
CA THR A 345 -7.05 6.76 -3.04
C THR A 345 -7.01 7.22 -1.58
N TYR A 346 -6.34 6.42 -0.74
CA TYR A 346 -6.26 6.72 0.69
C TYR A 346 -5.00 7.51 1.10
N SER A 347 -4.34 8.13 0.12
CA SER A 347 -3.23 9.02 0.40
C SER A 347 -3.71 10.17 1.32
N GLY A 348 -3.12 10.25 2.52
CA GLY A 348 -3.43 11.31 3.48
C GLY A 348 -4.68 11.05 4.30
N HIS A 349 -4.99 9.77 4.50
CA HIS A 349 -6.23 9.36 5.14
C HIS A 349 -6.33 9.99 6.55
N PRO A 350 -7.39 10.80 6.79
CA PRO A 350 -7.57 11.56 8.04
C PRO A 350 -7.43 10.77 9.32
N VAL A 351 -8.07 9.60 9.38
CA VAL A 351 -7.99 8.74 10.56
C VAL A 351 -6.54 8.30 10.85
N CYS A 352 -5.84 7.88 9.80
CA CYS A 352 -4.46 7.45 9.90
C CYS A 352 -3.54 8.63 10.32
N ALA A 353 -3.78 9.80 9.74
CA ALA A 353 -3.04 11.00 10.10
C ALA A 353 -3.28 11.41 11.57
N ALA A 354 -4.52 11.31 12.02
CA ALA A 354 -4.87 11.58 13.43
C ALA A 354 -4.15 10.64 14.38
N ALA A 355 -4.15 9.36 14.04
CA ALA A 355 -3.41 8.35 14.80
C ALA A 355 -1.94 8.75 14.91
N ALA A 356 -1.37 9.19 13.79
CA ALA A 356 0.04 9.61 13.79
C ALA A 356 0.26 10.78 14.73
N LEU A 357 -0.62 11.79 14.71
CA LEU A 357 -0.47 12.98 15.57
C LEU A 357 -0.48 12.61 17.03
N ALA A 358 -1.39 11.72 17.44
CA ALA A 358 -1.45 11.29 18.83
C ALA A 358 -0.22 10.48 19.20
N ASN A 359 0.22 9.62 18.30
CA ASN A 359 1.45 8.86 18.46
C ASN A 359 2.65 9.77 18.72
N LEU A 360 2.78 10.82 17.91
CA LEU A 360 3.87 11.79 18.06
C LEU A 360 3.76 12.56 19.37
N ASP A 361 2.54 12.97 19.73
CA ASP A 361 2.30 13.64 21.00
C ASP A 361 2.82 12.80 22.15
N ILE A 362 2.59 11.49 22.08
CA ILE A 362 3.04 10.58 23.12
C ILE A 362 4.55 10.37 23.12
N LEU A 363 5.15 10.09 21.95
CA LEU A 363 6.62 9.99 21.83
C LEU A 363 7.35 11.22 22.39
N GLU A 364 6.81 12.40 22.10
CA GLU A 364 7.42 13.66 22.50
C GLU A 364 7.20 13.97 23.99
N ARG A 365 5.94 13.89 24.44
CA ARG A 365 5.60 14.17 25.84
C ARG A 365 6.33 13.24 26.82
N GLU A 366 6.42 11.96 26.49
CA GLU A 366 7.12 10.99 27.33
C GLU A 366 8.60 10.87 27.03
N ASN A 367 9.08 11.68 26.08
CA ASN A 367 10.48 11.66 25.66
C ASN A 367 10.94 10.22 25.45
N LEU A 368 10.21 9.50 24.63
CA LEU A 368 10.51 8.09 24.43
C LEU A 368 11.75 7.87 23.58
N THR A 369 12.17 8.89 22.81
CA THR A 369 13.44 8.84 22.10
C THR A 369 14.61 8.76 23.11
N GLY A 370 14.55 9.60 24.15
CA GLY A 370 15.48 9.51 25.28
C GLY A 370 15.43 8.17 26.01
N ASN A 371 14.22 7.67 26.27
CA ASN A 371 14.10 6.36 26.92
C ASN A 371 14.74 5.27 26.05
N ALA A 372 14.54 5.37 24.73
CA ALA A 372 15.15 4.42 23.82
C ALA A 372 16.70 4.50 23.88
N ALA A 373 17.25 5.70 23.94
CA ALA A 373 18.70 5.84 24.08
C ALA A 373 19.18 5.19 25.36
N ASP A 374 18.49 5.51 26.44
CA ASP A 374 18.90 5.15 27.79
C ASP A 374 18.77 3.65 28.00
N VAL A 375 17.54 3.15 27.86
CA VAL A 375 17.20 1.74 28.10
C VAL A 375 17.74 0.86 26.97
N GLY A 376 17.88 1.44 25.78
CA GLY A 376 18.53 0.75 24.67
C GLY A 376 19.99 0.43 24.93
N ALA A 377 20.73 1.39 25.48
CA ALA A 377 22.13 1.14 25.88
C ALA A 377 22.20 0.03 26.95
N TYR A 378 21.27 0.10 27.89
CA TYR A 378 21.17 -0.91 28.94
C TYR A 378 20.88 -2.30 28.36
N LEU A 379 19.99 -2.37 27.37
CA LEU A 379 19.72 -3.63 26.65
C LEU A 379 20.99 -4.21 26.04
N GLN A 380 21.78 -3.37 25.36
CA GLN A 380 23.04 -3.81 24.76
C GLN A 380 23.97 -4.37 25.84
N GLN A 381 24.13 -3.58 26.91
CA GLN A 381 24.99 -3.98 28.02
C GLN A 381 24.58 -5.36 28.57
N ARG A 382 23.29 -5.52 28.83
CA ARG A 382 22.79 -6.71 29.50
C ARG A 382 22.87 -7.96 28.62
N LEU A 383 22.61 -7.79 27.32
CA LEU A 383 22.80 -8.88 26.38
C LEU A 383 24.25 -9.30 26.26
N HIS A 384 25.17 -8.34 26.23
CA HIS A 384 26.61 -8.65 26.22
C HIS A 384 27.04 -9.41 27.47
N GLU A 385 26.63 -8.93 28.64
CA GLU A 385 26.96 -9.58 29.91
C GLU A 385 26.42 -11.00 29.97
N ALA A 386 25.19 -11.20 29.50
CA ALA A 386 24.53 -12.48 29.59
C ALA A 386 25.02 -13.49 28.56
N PHE A 387 25.34 -13.01 27.35
CA PHE A 387 25.61 -13.90 26.22
C PHE A 387 26.98 -13.76 25.57
N GLY A 388 27.66 -12.62 25.78
CA GLY A 388 28.95 -12.32 25.14
C GLY A 388 30.01 -13.40 25.25
N ALA A 389 30.09 -14.05 26.42
CA ALA A 389 31.14 -15.03 26.69
C ALA A 389 30.79 -16.44 26.22
N HIS A 390 29.55 -16.68 25.81
CA HIS A 390 29.09 -18.04 25.63
C HIS A 390 29.57 -18.65 24.29
N PRO A 391 30.08 -19.90 24.32
CA PRO A 391 30.70 -20.51 23.11
C PRO A 391 29.80 -20.68 21.87
N LEU A 392 28.51 -20.80 22.10
CA LEU A 392 27.50 -20.90 21.05
C LEU A 392 26.95 -19.56 20.50
N VAL A 393 27.34 -18.45 21.10
CA VAL A 393 26.92 -17.13 20.64
C VAL A 393 28.05 -16.51 19.84
N GLY A 394 27.88 -16.45 18.52
CA GLY A 394 28.88 -15.88 17.64
C GLY A 394 29.05 -14.40 17.83
N GLU A 395 27.93 -13.69 17.94
CA GLU A 395 27.96 -12.25 18.12
C GLU A 395 26.72 -11.72 18.81
N VAL A 396 26.95 -10.74 19.68
CA VAL A 396 25.90 -9.89 20.25
C VAL A 396 26.11 -8.50 19.61
N ARG A 397 25.03 -7.90 19.14
CA ARG A 397 25.11 -6.61 18.47
C ARG A 397 23.82 -5.85 18.63
N GLY A 398 23.86 -4.54 18.40
CA GLY A 398 22.68 -3.72 18.45
C GLY A 398 22.98 -2.26 18.56
N VAL A 399 21.92 -1.47 18.56
CA VAL A 399 22.01 -0.05 18.83
C VAL A 399 20.60 0.38 19.21
N GLY A 400 20.54 1.22 20.26
CA GLY A 400 19.30 1.70 20.82
C GLY A 400 18.45 0.53 21.21
N MET A 401 17.19 0.56 20.81
CA MET A 401 16.26 -0.49 21.14
C MET A 401 16.16 -1.52 20.02
N LEU A 402 17.27 -1.81 19.35
CA LEU A 402 17.40 -2.99 18.50
C LEU A 402 18.60 -3.80 18.96
N ALA A 403 18.43 -5.13 19.07
CA ALA A 403 19.53 -5.99 19.44
C ALA A 403 19.34 -7.37 18.85
N ALA A 404 20.45 -8.08 18.68
CA ALA A 404 20.38 -9.45 18.20
C ALA A 404 21.49 -10.33 18.76
N LEU A 405 21.18 -11.63 18.83
CA LEU A 405 22.16 -12.66 19.11
C LEU A 405 22.29 -13.53 17.87
N GLU A 406 23.53 -13.74 17.41
CA GLU A 406 23.77 -14.65 16.30
C GLU A 406 24.53 -15.86 16.81
N PHE A 407 23.96 -17.04 16.55
CA PHE A 407 24.43 -18.30 17.11
C PHE A 407 25.32 -19.05 16.13
N MET A 408 26.39 -19.64 16.64
CA MET A 408 27.37 -20.34 15.81
C MET A 408 27.75 -21.66 16.44
N ALA A 409 27.83 -22.71 15.62
CA ALA A 409 28.27 -24.04 16.06
C ALA A 409 29.74 -23.98 16.49
N ASP A 410 30.56 -23.29 15.71
CA ASP A 410 31.89 -22.88 16.14
C ASP A 410 32.04 -21.36 16.08
N LYS A 411 32.65 -20.79 17.11
CA LYS A 411 32.70 -19.34 17.30
C LYS A 411 33.99 -18.81 16.68
N GLY A 412 35.12 -19.36 17.14
CA GLY A 412 36.45 -19.04 16.68
C GLY A 412 36.77 -19.48 15.26
N ALA A 413 35.96 -20.38 14.68
CA ALA A 413 36.02 -20.68 13.26
C ALA A 413 34.95 -19.90 12.49
N ARG A 414 34.04 -19.19 13.20
CA ARG A 414 32.93 -18.49 12.56
C ARG A 414 32.18 -19.43 11.60
N THR A 415 31.46 -20.39 12.16
CA THR A 415 30.98 -21.55 11.41
C THR A 415 29.54 -21.91 11.84
N PRO A 416 28.55 -21.69 10.93
CA PRO A 416 27.18 -21.76 11.44
C PRO A 416 26.61 -23.18 11.50
N PHE A 417 25.62 -23.37 12.37
CA PHE A 417 24.95 -24.65 12.52
C PHE A 417 24.30 -25.06 11.22
N ASP A 418 24.06 -26.35 11.07
CA ASP A 418 23.24 -26.84 9.99
C ASP A 418 21.84 -26.20 10.04
N PRO A 419 21.47 -25.42 8.99
CA PRO A 419 20.19 -24.73 9.08
C PRO A 419 19.00 -25.59 9.43
N ALA A 420 19.01 -26.87 9.07
CA ALA A 420 17.90 -27.73 9.47
C ALA A 420 17.82 -27.93 10.99
N LEU A 421 18.93 -27.74 11.71
CA LEU A 421 18.89 -27.67 13.17
C LEU A 421 18.02 -26.56 13.72
N LYS A 422 18.00 -25.43 13.02
CA LYS A 422 17.20 -24.27 13.41
C LYS A 422 17.26 -23.88 14.89
N VAL A 423 18.43 -23.42 15.27
CA VAL A 423 18.74 -23.00 16.62
C VAL A 423 18.04 -21.71 17.04
N SER A 424 17.99 -20.75 16.13
CA SER A 424 17.38 -19.47 16.45
C SER A 424 15.91 -19.69 16.72
N GLN A 425 15.31 -20.57 15.96
CA GLN A 425 13.90 -20.85 16.05
C GLN A 425 13.58 -21.69 17.27
N LYS A 426 14.49 -22.56 17.71
CA LYS A 426 14.28 -23.38 18.92
C LYS A 426 14.33 -22.53 20.18
N VAL A 427 15.20 -21.53 20.17
CA VAL A 427 15.31 -20.60 21.28
C VAL A 427 14.05 -19.75 21.36
N ALA A 428 13.59 -19.25 20.22
CA ALA A 428 12.36 -18.46 20.16
C ALA A 428 11.17 -19.24 20.71
N ALA A 429 11.04 -20.50 20.30
CA ALA A 429 9.95 -21.36 20.77
C ALA A 429 10.00 -21.54 22.28
N ALA A 430 11.17 -21.92 22.79
CA ALA A 430 11.36 -22.04 24.23
C ALA A 430 11.02 -20.74 24.96
N ALA A 431 11.49 -19.61 24.43
CA ALA A 431 11.17 -18.30 25.00
C ALA A 431 9.65 -18.04 25.04
N LEU A 432 8.95 -18.42 23.98
CA LEU A 432 7.49 -18.24 23.89
C LEU A 432 6.74 -19.06 24.92
N GLU A 433 7.10 -20.33 25.08
CA GLU A 433 6.59 -21.14 26.20
C GLU A 433 6.75 -20.45 27.55
N ASP A 434 7.88 -19.79 27.75
CA ASP A 434 8.13 -19.04 28.97
C ASP A 434 7.56 -17.60 28.97
N GLY A 435 6.65 -17.27 28.05
CA GLY A 435 5.98 -15.97 28.05
C GLY A 435 6.73 -14.80 27.43
N LEU A 436 7.71 -15.05 26.57
CA LEU A 436 8.49 -14.00 25.89
C LEU A 436 8.45 -14.19 24.37
N ILE A 437 8.12 -13.11 23.65
CA ILE A 437 8.16 -13.07 22.18
C ILE A 437 9.43 -12.34 21.74
N VAL A 438 10.31 -13.09 21.09
CA VAL A 438 11.49 -12.57 20.39
C VAL A 438 11.49 -13.27 19.03
N ARG A 439 12.08 -12.65 18.02
CA ARG A 439 11.93 -13.18 16.65
C ARG A 439 13.18 -13.91 16.13
N ALA A 440 12.97 -15.12 15.62
CA ALA A 440 13.99 -15.79 14.81
C ALA A 440 14.05 -15.10 13.44
N LEU A 441 15.14 -14.40 13.13
CA LEU A 441 15.21 -13.63 11.87
C LEU A 441 15.47 -14.55 10.66
N PRO A 442 14.95 -14.20 9.46
CA PRO A 442 15.00 -15.12 8.32
C PRO A 442 16.39 -15.52 7.83
N HIS A 443 17.39 -14.67 8.03
CA HIS A 443 18.70 -14.89 7.43
C HIS A 443 19.48 -16.07 8.03
N GLY A 444 19.94 -15.96 9.27
CA GLY A 444 20.93 -16.92 9.81
C GLY A 444 20.34 -17.85 10.85
N ASP A 445 21.08 -18.05 11.94
CA ASP A 445 20.47 -18.39 13.23
C ASP A 445 20.62 -17.13 14.08
N ILE A 446 19.59 -16.30 14.05
CA ILE A 446 19.63 -15.00 14.66
C ILE A 446 18.34 -14.75 15.43
N LEU A 447 18.50 -14.35 16.68
CA LEU A 447 17.37 -14.01 17.53
C LEU A 447 17.35 -12.49 17.71
N GLY A 448 16.26 -11.87 17.29
CA GLY A 448 16.13 -10.41 17.32
C GLY A 448 15.30 -9.88 18.47
N PHE A 449 15.61 -8.65 18.87
CA PHE A 449 14.90 -7.94 19.93
C PHE A 449 14.60 -6.56 19.39
N ALA A 450 13.33 -6.16 19.47
CA ALA A 450 12.89 -4.81 19.13
C ALA A 450 11.71 -4.43 20.02
N PRO A 451 11.95 -4.31 21.35
CA PRO A 451 10.85 -4.06 22.27
C PRO A 451 10.30 -2.65 22.15
N PRO A 452 9.09 -2.44 22.69
CA PRO A 452 8.53 -1.10 22.64
C PRO A 452 9.42 -0.08 23.32
N LEU A 453 9.34 1.16 22.86
CA LEU A 453 10.24 2.21 23.34
C LEU A 453 9.92 2.67 24.76
N VAL A 454 8.76 2.29 25.26
CA VAL A 454 8.38 2.44 26.69
C VAL A 454 8.99 1.40 27.64
N THR A 455 9.64 0.36 27.10
CA THR A 455 10.29 -0.66 27.93
C THR A 455 11.22 -0.02 28.99
N THR A 456 11.15 -0.56 30.22
CA THR A 456 11.98 -0.12 31.35
C THR A 456 13.22 -1.00 31.48
N ARG A 457 14.19 -0.52 32.25
CA ARG A 457 15.40 -1.30 32.54
C ARG A 457 15.04 -2.62 33.23
N ALA A 458 14.13 -2.57 34.21
CA ALA A 458 13.68 -3.81 34.89
C ALA A 458 13.07 -4.81 33.89
N GLU A 459 12.27 -4.31 32.96
CA GLU A 459 11.67 -5.15 31.91
C GLU A 459 12.73 -5.76 30.99
N VAL A 460 13.78 -5.01 30.68
CA VAL A 460 14.92 -5.55 29.94
C VAL A 460 15.49 -6.74 30.70
N ASP A 461 15.77 -6.56 32.00
CA ASP A 461 16.35 -7.63 32.80
C ASP A 461 15.45 -8.85 32.87
N GLU A 462 14.14 -8.61 32.94
CA GLU A 462 13.15 -9.67 32.83
C GLU A 462 13.22 -10.38 31.47
N ILE A 463 13.29 -9.59 30.39
CA ILE A 463 13.41 -10.12 29.02
C ILE A 463 14.68 -10.98 28.87
N VAL A 464 15.80 -10.44 29.32
CA VAL A 464 17.09 -11.11 29.18
C VAL A 464 17.12 -12.39 30.03
N ALA A 465 16.57 -12.35 31.24
CA ALA A 465 16.50 -13.55 32.10
C ALA A 465 15.76 -14.72 31.40
N ILE A 466 14.59 -14.44 30.83
CA ILE A 466 13.81 -15.46 30.15
C ILE A 466 14.56 -15.98 28.91
N ALA A 467 15.06 -15.07 28.07
CA ALA A 467 15.82 -15.47 26.88
C ALA A 467 17.08 -16.27 27.25
N LYS A 468 17.72 -15.92 28.37
CA LYS A 468 18.90 -16.66 28.85
C LYS A 468 18.54 -18.10 29.24
N GLU A 469 17.49 -18.27 30.05
CA GLU A 469 16.95 -19.61 30.38
C GLU A 469 16.62 -20.41 29.11
N ALA A 470 15.88 -19.77 28.20
CA ALA A 470 15.48 -20.40 26.94
C ALA A 470 16.69 -20.92 26.16
N PHE A 471 17.69 -20.07 26.08
CA PHE A 471 18.91 -20.37 25.36
C PHE A 471 19.68 -21.54 25.99
N ASP A 472 19.77 -21.59 27.32
CA ASP A 472 20.48 -22.69 27.99
C ASP A 472 19.81 -24.03 27.71
N GLU A 473 18.48 -24.04 27.84
CA GLU A 473 17.69 -25.21 27.51
C GLU A 473 18.03 -25.75 26.11
N VAL A 474 18.12 -24.87 25.12
CA VAL A 474 18.44 -25.28 23.74
C VAL A 474 19.91 -25.62 23.56
N ALA A 475 20.78 -24.83 24.20
CA ALA A 475 22.24 -25.09 24.17
C ALA A 475 22.58 -26.45 24.81
N ASP A 476 21.96 -26.76 25.95
CA ASP A 476 22.20 -28.04 26.64
C ASP A 476 21.46 -29.19 25.95
N ALA A 477 21.63 -29.30 24.61
CA ALA A 477 20.80 -30.11 23.70
C ALA A 477 21.02 -29.73 22.22
N SER B 23 -5.36 28.68 12.90
CA SER B 23 -5.78 29.66 11.85
C SER B 23 -5.79 28.99 10.47
N LEU B 24 -6.81 29.33 9.70
CA LEU B 24 -7.02 28.71 8.40
C LEU B 24 -5.93 29.12 7.42
N GLU B 25 -5.44 30.34 7.57
CA GLU B 25 -4.45 30.88 6.64
C GLU B 25 -3.07 30.26 6.87
N GLN B 26 -2.75 29.96 8.11
CA GLN B 26 -1.49 29.31 8.46
C GLN B 26 -1.54 27.81 8.13
N LEU B 27 -2.70 27.19 8.30
CA LEU B 27 -2.94 25.86 7.75
C LEU B 27 -2.61 25.78 6.27
N LEU B 28 -3.18 26.69 5.49
CA LEU B 28 -3.01 26.66 4.02
C LEU B 28 -1.56 26.91 3.62
N GLU B 29 -0.84 27.68 4.42
CA GLU B 29 0.58 27.90 4.19
C GLU B 29 1.39 26.64 4.51
N MET B 30 1.10 26.03 5.65
CA MET B 30 1.70 24.75 6.02
C MET B 30 1.47 23.69 4.95
N ASP B 31 0.24 23.63 4.43
CA ASP B 31 -0.13 22.73 3.34
C ASP B 31 0.80 22.97 2.16
N ARG B 32 0.80 24.21 1.67
CA ARG B 32 1.63 24.62 0.53
C ARG B 32 3.12 24.33 0.76
N ALA B 33 3.58 24.60 1.98
CA ALA B 33 4.99 24.44 2.33
C ALA B 33 5.45 22.97 2.46
N HIS B 34 4.58 22.08 2.96
CA HIS B 34 5.01 20.77 3.44
C HIS B 34 4.24 19.52 2.98
N PHE B 35 3.01 19.67 2.46
CA PHE B 35 2.20 18.51 2.06
C PHE B 35 2.31 18.27 0.54
N MET B 36 2.90 17.14 0.15
CA MET B 36 2.88 16.68 -1.25
C MET B 36 1.62 15.84 -1.43
N HIS B 37 0.69 16.41 -2.18
CA HIS B 37 -0.59 15.76 -2.43
C HIS B 37 -0.45 14.71 -3.52
N PRO B 38 -1.36 13.71 -3.50
CA PRO B 38 -1.57 12.92 -4.69
C PRO B 38 -2.18 13.79 -5.80
N SER B 39 -1.88 13.45 -7.03
CA SER B 39 -2.53 14.01 -8.19
C SER B 39 -2.87 15.50 -8.06
N THR B 40 -1.82 16.29 -7.82
CA THR B 40 -1.93 17.72 -7.65
C THR B 40 -0.71 18.38 -8.27
N HIS B 41 -0.95 19.34 -9.15
CA HIS B 41 0.11 20.15 -9.78
C HIS B 41 1.06 20.71 -8.71
N ALA B 42 2.28 20.22 -8.68
CA ALA B 42 3.19 20.49 -7.56
C ALA B 42 3.46 21.99 -7.37
N TYR B 43 3.89 22.65 -8.45
CA TYR B 43 4.26 24.05 -8.38
C TYR B 43 3.06 24.99 -8.19
N ASP B 44 2.03 24.81 -9.00
CA ASP B 44 0.78 25.58 -8.90
C ASP B 44 0.15 25.50 -7.50
N HIS B 45 0.18 24.31 -6.90
CA HIS B 45 -0.23 24.18 -5.52
C HIS B 45 0.70 24.89 -4.54
N ALA B 46 2.00 24.59 -4.60
CA ALA B 46 2.96 25.19 -3.66
C ALA B 46 2.96 26.73 -3.71
N SER B 47 2.79 27.28 -4.91
CA SER B 47 2.82 28.73 -5.14
C SER B 47 1.49 29.44 -4.86
N GLY B 48 0.40 28.71 -4.64
CA GLY B 48 -0.91 29.32 -4.40
C GLY B 48 -1.77 29.53 -5.64
N ALA B 49 -1.21 29.28 -6.83
CA ALA B 49 -1.97 29.37 -8.07
C ALA B 49 -3.15 28.38 -8.15
N LEU B 50 -2.99 27.19 -7.56
CA LEU B 50 -4.06 26.19 -7.44
C LEU B 50 -4.48 26.23 -5.98
N PRO B 51 -5.61 26.90 -5.66
CA PRO B 51 -5.93 27.12 -4.25
C PRO B 51 -6.37 25.82 -3.59
N GLY B 52 -5.93 25.65 -2.35
CA GLY B 52 -6.24 24.45 -1.57
C GLY B 52 -7.64 24.50 -0.96
N ARG B 53 -8.17 23.32 -0.66
CA ARG B 53 -9.47 23.20 -0.05
C ARG B 53 -9.35 22.18 1.07
N ILE B 54 -9.69 22.60 2.29
CA ILE B 54 -9.63 21.74 3.45
C ILE B 54 -11.04 21.26 3.73
N ILE B 55 -11.24 19.94 3.71
CA ILE B 55 -12.53 19.35 4.03
C ILE B 55 -12.48 18.98 5.51
N THR B 56 -13.53 19.38 6.24
CA THR B 56 -13.58 19.29 7.70
C THR B 56 -14.68 18.41 8.26
N GLY B 57 -15.77 18.20 7.50
CA GLY B 57 -16.84 17.34 7.96
C GLY B 57 -17.73 16.89 6.84
N GLY B 58 -18.67 16.01 7.19
CA GLY B 58 -19.66 15.55 6.24
C GLY B 58 -20.69 14.64 6.86
N LYS B 59 -21.84 14.54 6.20
CA LYS B 59 -22.98 13.82 6.72
C LYS B 59 -23.86 13.37 5.53
N GLY B 60 -24.16 12.07 5.46
CA GLY B 60 -24.97 11.54 4.35
C GLY B 60 -24.19 11.65 3.06
N ILE B 61 -24.69 12.46 2.11
CA ILE B 61 -23.99 12.68 0.84
C ILE B 61 -23.38 14.06 0.70
N ARG B 62 -23.34 14.80 1.81
CA ARG B 62 -22.89 16.18 1.81
C ARG B 62 -21.60 16.32 2.61
N ILE B 63 -20.68 17.12 2.09
CA ILE B 63 -19.47 17.44 2.83
C ILE B 63 -19.37 18.93 3.03
N GLU B 64 -18.46 19.32 3.91
CA GLU B 64 -18.27 20.71 4.31
C GLU B 64 -16.78 21.06 4.26
N ASP B 65 -16.45 22.24 3.72
CA ASP B 65 -15.06 22.73 3.77
C ASP B 65 -14.83 23.62 5.00
N HIS B 66 -13.62 24.16 5.13
CA HIS B 66 -13.20 24.88 6.33
C HIS B 66 -13.88 26.24 6.40
N GLU B 67 -14.15 26.81 5.22
CA GLU B 67 -15.01 27.97 5.06
C GLU B 67 -16.50 27.81 5.35
N GLY B 68 -17.03 26.62 5.68
CA GLY B 68 -18.44 26.41 5.96
C GLY B 68 -19.32 26.19 4.72
N ARG B 69 -18.70 26.13 3.56
CA ARG B 69 -19.42 25.82 2.31
C ARG B 69 -19.78 24.36 2.32
N GLU B 70 -21.02 24.05 1.97
CA GLU B 70 -21.46 22.66 1.93
C GLU B 70 -21.57 22.20 0.47
N TYR B 71 -21.30 20.93 0.22
CA TYR B 71 -21.34 20.38 -1.13
C TYR B 71 -22.02 19.03 -1.13
N ILE B 72 -22.85 18.79 -2.16
CA ILE B 72 -23.30 17.45 -2.45
C ILE B 72 -22.15 16.72 -3.17
N ASP B 73 -21.69 15.64 -2.56
CA ASP B 73 -20.61 14.84 -3.15
C ASP B 73 -21.16 13.71 -4.01
N ALA B 74 -21.37 14.02 -5.28
CA ALA B 74 -21.89 13.03 -6.21
C ALA B 74 -20.78 12.15 -6.79
N PHE B 75 -19.57 12.19 -6.22
CA PHE B 75 -18.53 11.22 -6.54
C PHE B 75 -18.11 10.36 -5.33
N ALA B 76 -18.77 10.55 -4.19
CA ALA B 76 -18.52 9.75 -2.99
C ALA B 76 -17.03 9.64 -2.65
N GLY B 77 -16.35 10.79 -2.64
CA GLY B 77 -14.91 10.83 -2.43
C GLY B 77 -14.27 10.48 -3.75
N LEU B 78 -13.93 9.20 -3.89
CA LEU B 78 -13.44 8.63 -5.14
C LEU B 78 -14.05 7.26 -5.29
N TYR B 79 -15.33 7.24 -5.73
CA TYR B 79 -16.11 6.00 -5.84
C TYR B 79 -16.07 5.15 -4.58
N CYS B 80 -15.92 5.77 -3.41
CA CYS B 80 -15.60 4.97 -2.24
C CYS B 80 -16.40 5.19 -0.97
N VAL B 81 -16.95 6.37 -0.73
CA VAL B 81 -17.74 6.59 0.51
C VAL B 81 -19.18 6.05 0.29
N ASN B 82 -19.29 4.73 0.18
CA ASN B 82 -20.50 4.13 -0.37
C ASN B 82 -21.69 4.19 0.57
N ILE B 83 -21.45 3.99 1.86
CA ILE B 83 -22.51 4.09 2.87
C ILE B 83 -22.80 5.52 3.33
N GLY B 84 -22.10 6.51 2.75
CA GLY B 84 -22.27 7.91 3.11
C GLY B 84 -21.35 8.34 4.23
N TYR B 85 -21.24 9.66 4.39
CA TYR B 85 -20.39 10.30 5.38
C TYR B 85 -20.99 10.34 6.78
N GLY B 86 -20.12 10.41 7.78
CA GLY B 86 -20.52 10.60 9.17
C GLY B 86 -21.19 9.43 9.86
N ARG B 87 -20.82 8.21 9.51
CA ARG B 87 -21.43 7.04 10.14
C ARG B 87 -20.82 6.79 11.52
N GLU B 88 -21.47 7.34 12.55
CA GLU B 88 -21.08 7.06 13.94
C GLU B 88 -20.93 5.57 14.25
N GLU B 89 -21.78 4.74 13.66
CA GLU B 89 -21.68 3.28 13.88
C GLU B 89 -20.30 2.71 13.53
N VAL B 90 -19.71 3.21 12.44
CA VAL B 90 -18.41 2.75 11.98
C VAL B 90 -17.32 3.36 12.86
N ALA B 91 -17.46 4.64 13.21
CA ALA B 91 -16.52 5.28 14.15
C ALA B 91 -16.46 4.54 15.47
N ASP B 92 -17.62 4.10 15.99
CA ASP B 92 -17.68 3.27 17.23
C ASP B 92 -17.02 1.93 17.04
N ALA B 93 -17.22 1.31 15.88
CA ALA B 93 -16.58 0.02 15.61
C ALA B 93 -15.06 0.16 15.57
N ILE B 94 -14.60 1.21 14.91
CA ILE B 94 -13.16 1.55 14.82
C ILE B 94 -12.59 1.82 16.23
N TYR B 95 -13.27 2.71 16.98
CA TYR B 95 -12.93 2.98 18.37
C TYR B 95 -12.77 1.72 19.21
N GLU B 96 -13.78 0.85 19.18
CA GLU B 96 -13.78 -0.33 20.06
C GLU B 96 -12.62 -1.26 19.75
N GLN B 97 -12.30 -1.41 18.47
CA GLN B 97 -11.17 -2.24 18.08
C GLN B 97 -9.84 -1.57 18.44
N ALA B 98 -9.72 -0.27 18.17
CA ALA B 98 -8.50 0.48 18.49
C ALA B 98 -8.19 0.38 19.97
N LYS B 99 -9.23 0.37 20.78
CA LYS B 99 -9.13 0.34 22.23
C LYS B 99 -8.76 -1.05 22.72
N GLN B 100 -9.40 -2.08 22.17
CA GLN B 100 -9.13 -3.45 22.58
C GLN B 100 -7.76 -3.95 22.07
N LEU B 101 -7.53 -3.82 20.78
CA LEU B 101 -6.26 -4.18 20.15
C LEU B 101 -6.18 -3.55 18.77
N ALA B 102 -5.47 -2.43 18.68
CA ALA B 102 -5.35 -1.69 17.42
C ALA B 102 -4.53 -2.50 16.39
N TYR B 103 -3.44 -3.12 16.84
CA TYR B 103 -2.60 -3.90 15.95
C TYR B 103 -1.88 -5.04 16.63
N TYR B 104 -1.91 -6.18 15.97
CA TYR B 104 -0.82 -7.15 16.01
C TYR B 104 -0.64 -7.66 14.59
N HIS B 105 0.48 -8.33 14.32
CA HIS B 105 0.71 -8.83 12.98
C HIS B 105 -0.07 -10.09 12.72
N THR B 106 -0.20 -10.44 11.44
CA THR B 106 -0.83 -11.71 11.05
C THR B 106 0.15 -12.71 10.40
N TYR B 107 1.44 -12.49 10.61
CA TYR B 107 2.51 -13.38 10.13
C TYR B 107 2.51 -14.71 10.88
N VAL B 108 3.07 -15.75 10.23
CA VAL B 108 3.23 -17.08 10.83
C VAL B 108 1.97 -17.54 11.55
N GLY B 109 0.84 -17.44 10.84
CA GLY B 109 -0.45 -17.90 11.36
C GLY B 109 -1.14 -17.08 12.45
N HIS B 110 -0.67 -15.87 12.73
CA HIS B 110 -1.29 -15.03 13.75
C HIS B 110 -2.51 -14.36 13.19
N SER B 111 -3.43 -14.04 14.09
CA SER B 111 -4.72 -13.57 13.70
C SER B 111 -5.34 -12.65 14.72
N ASN B 112 -6.41 -12.03 14.29
CA ASN B 112 -7.26 -11.31 15.18
C ASN B 112 -8.66 -11.68 14.76
N ASP B 113 -9.61 -11.48 15.67
CA ASP B 113 -11.02 -11.75 15.44
C ASP B 113 -11.60 -11.10 14.19
N PRO B 114 -11.51 -9.75 14.11
CA PRO B 114 -12.18 -9.16 12.98
C PRO B 114 -11.70 -9.70 11.65
N VAL B 115 -10.40 -9.92 11.47
CA VAL B 115 -9.89 -10.38 10.19
C VAL B 115 -10.46 -11.77 9.83
N ILE B 116 -10.62 -12.64 10.83
CA ILE B 116 -11.19 -13.96 10.61
C ILE B 116 -12.65 -13.86 10.12
N GLU B 117 -13.47 -13.08 10.83
CA GLU B 117 -14.89 -12.91 10.47
C GLU B 117 -15.04 -12.27 9.10
N LEU B 118 -14.21 -11.28 8.82
CA LEU B 118 -14.29 -10.54 7.57
C LEU B 118 -13.99 -11.46 6.41
N SER B 119 -12.95 -12.28 6.55
CA SER B 119 -12.58 -13.21 5.49
C SER B 119 -13.69 -14.16 5.14
N SER B 120 -14.31 -14.79 6.14
CA SER B 120 -15.39 -15.75 5.85
C SER B 120 -16.64 -15.03 5.32
N ARG B 121 -16.91 -13.82 5.82
CA ARG B 121 -18.01 -13.01 5.29
C ARG B 121 -17.83 -12.59 3.81
N ILE B 122 -16.62 -12.17 3.43
CA ILE B 122 -16.35 -11.82 2.03
C ILE B 122 -16.59 -13.03 1.12
N ILE B 123 -16.10 -14.19 1.55
CA ILE B 123 -16.25 -15.42 0.76
C ILE B 123 -17.70 -15.91 0.70
N GLU B 124 -18.37 -16.00 1.85
CA GLU B 124 -19.73 -16.55 1.92
C GLU B 124 -20.78 -15.62 1.32
N ASP B 125 -20.66 -14.33 1.58
CA ASP B 125 -21.74 -13.38 1.28
C ASP B 125 -21.51 -12.43 0.10
N TRP B 126 -20.26 -12.11 -0.22
CA TRP B 126 -20.02 -11.13 -1.28
C TRP B 126 -19.32 -11.66 -2.52
N ALA B 127 -18.51 -12.69 -2.39
CA ALA B 127 -17.69 -13.15 -3.50
C ALA B 127 -18.46 -14.12 -4.38
N PRO B 128 -18.14 -14.20 -5.68
CA PRO B 128 -18.77 -15.25 -6.48
C PRO B 128 -18.33 -16.63 -6.05
N ALA B 129 -19.08 -17.63 -6.51
CA ALA B 129 -18.84 -19.02 -6.16
C ALA B 129 -17.46 -19.47 -6.68
N GLY B 130 -16.84 -20.40 -5.95
CA GLY B 130 -15.51 -20.88 -6.26
C GLY B 130 -14.35 -20.13 -5.60
N MET B 131 -14.63 -19.00 -4.94
CA MET B 131 -13.60 -18.24 -4.23
C MET B 131 -13.32 -18.90 -2.91
N LYS B 132 -12.09 -18.76 -2.41
CA LYS B 132 -11.69 -19.47 -1.18
C LYS B 132 -10.97 -18.61 -0.14
N LYS B 133 -9.91 -17.93 -0.54
CA LYS B 133 -9.06 -17.20 0.41
C LYS B 133 -9.01 -15.71 0.10
N VAL B 134 -8.72 -14.94 1.17
CA VAL B 134 -8.60 -13.50 1.12
C VAL B 134 -7.27 -13.07 1.73
N PHE B 135 -6.50 -12.27 0.99
CA PHE B 135 -5.25 -11.66 1.46
C PHE B 135 -5.41 -10.14 1.47
N TYR B 136 -4.97 -9.49 2.53
CA TYR B 136 -5.25 -8.08 2.76
C TYR B 136 -4.05 -7.16 2.61
N GLY B 137 -4.32 -5.98 2.06
CA GLY B 137 -3.41 -4.85 2.10
C GLY B 137 -4.20 -3.61 2.49
N MET B 138 -3.74 -2.44 2.03
CA MET B 138 -4.38 -1.17 2.34
C MET B 138 -4.83 -0.34 1.14
N SER B 139 -4.43 -0.71 -0.08
CA SER B 139 -4.76 0.05 -1.29
C SER B 139 -5.11 -0.87 -2.45
N GLY B 140 -6.00 -0.38 -3.31
CA GLY B 140 -6.22 -0.99 -4.61
C GLY B 140 -4.91 -1.29 -5.32
N SER B 141 -3.97 -0.35 -5.30
CA SER B 141 -2.68 -0.56 -5.96
C SER B 141 -1.92 -1.72 -5.34
N ASP B 142 -1.80 -1.81 -4.02
CA ASP B 142 -1.06 -2.94 -3.44
C ASP B 142 -1.75 -4.29 -3.67
N ALA B 143 -3.06 -4.28 -3.82
CA ALA B 143 -3.80 -5.50 -4.06
C ALA B 143 -3.48 -6.03 -5.47
N ASN B 144 -3.50 -5.13 -6.45
CA ASN B 144 -3.09 -5.52 -7.80
C ASN B 144 -1.60 -5.90 -7.89
N GLU B 145 -0.73 -5.25 -7.12
CA GLU B 145 0.68 -5.69 -6.97
C GLU B 145 0.71 -7.14 -6.52
N THR B 146 -0.04 -7.46 -5.47
CA THR B 146 -0.16 -8.85 -5.00
C THR B 146 -0.63 -9.79 -6.10
N GLN B 147 -1.67 -9.38 -6.85
CA GLN B 147 -2.18 -10.22 -7.96
C GLN B 147 -1.07 -10.64 -8.91
N ILE B 148 -0.25 -9.69 -9.35
CA ILE B 148 0.79 -9.98 -10.34
C ILE B 148 1.87 -10.91 -9.75
N LYS B 149 2.27 -10.64 -8.50
CA LYS B 149 3.10 -11.60 -7.76
C LYS B 149 2.51 -13.01 -7.78
N LEU B 150 1.22 -13.12 -7.46
CA LEU B 150 0.58 -14.43 -7.39
C LEU B 150 0.53 -15.14 -8.74
N VAL B 151 0.29 -14.39 -9.81
CA VAL B 151 0.23 -14.98 -11.16
C VAL B 151 1.61 -15.47 -11.63
N TRP B 152 2.66 -14.73 -11.27
CA TRP B 152 4.02 -15.17 -11.56
C TRP B 152 4.40 -16.38 -10.72
N TYR B 153 4.02 -16.38 -9.45
CA TYR B 153 4.29 -17.51 -8.55
C TYR B 153 3.61 -18.77 -9.07
N TYR B 154 2.32 -18.64 -9.36
CA TYR B 154 1.51 -19.72 -9.94
C TYR B 154 2.23 -20.35 -11.13
N ASN B 155 2.62 -19.54 -12.09
CA ASN B 155 3.26 -20.09 -13.27
C ASN B 155 4.64 -20.68 -12.98
N ASN B 156 5.39 -20.12 -12.05
CA ASN B 156 6.69 -20.67 -11.69
C ASN B 156 6.56 -22.04 -11.02
N VAL B 157 5.60 -22.18 -10.10
CA VAL B 157 5.44 -23.48 -9.42
C VAL B 157 4.87 -24.53 -10.35
N LEU B 158 4.14 -24.13 -11.39
CA LEU B 158 3.68 -25.06 -12.41
C LEU B 158 4.69 -25.37 -13.52
N GLY B 159 5.92 -24.86 -13.41
CA GLY B 159 6.96 -25.15 -14.39
C GLY B 159 6.78 -24.39 -15.71
N ARG B 160 6.19 -23.20 -15.66
CA ARG B 160 5.94 -22.41 -16.87
C ARG B 160 6.62 -21.07 -16.72
N PRO B 161 7.97 -21.05 -16.73
CA PRO B 161 8.69 -19.81 -16.43
C PRO B 161 8.47 -18.66 -17.40
N ASN B 162 8.03 -18.94 -18.63
CA ASN B 162 7.77 -17.87 -19.59
C ASN B 162 6.31 -17.38 -19.65
N LYS B 163 5.40 -18.06 -18.98
CA LYS B 163 3.99 -17.64 -18.97
C LYS B 163 3.81 -16.56 -17.90
N LYS B 164 4.11 -15.31 -18.28
CA LYS B 164 4.22 -14.20 -17.33
C LYS B 164 3.62 -12.87 -17.74
N LYS B 165 3.33 -12.68 -19.03
CA LYS B 165 2.86 -11.38 -19.49
C LYS B 165 1.44 -11.14 -18.99
N ILE B 166 1.11 -9.86 -18.81
CA ILE B 166 -0.22 -9.46 -18.36
C ILE B 166 -0.85 -8.60 -19.44
N ILE B 167 -2.09 -8.92 -19.80
CA ILE B 167 -2.85 -8.11 -20.72
C ILE B 167 -3.82 -7.25 -19.91
N ALA B 168 -3.74 -5.94 -20.13
CA ALA B 168 -4.72 -4.98 -19.60
C ALA B 168 -5.36 -4.24 -20.81
N ARG B 169 -6.14 -3.19 -20.55
CA ARG B 169 -6.87 -2.53 -21.64
C ARG B 169 -6.54 -1.07 -21.67
N GLU B 170 -6.55 -0.52 -22.87
CA GLU B 170 -6.57 0.92 -23.06
C GLU B 170 -7.63 1.54 -22.16
N ARG B 171 -7.27 2.67 -21.54
CA ARG B 171 -8.13 3.47 -20.63
C ARG B 171 -8.46 2.79 -19.29
N SER B 172 -7.93 1.61 -19.01
CA SER B 172 -8.14 0.97 -17.74
C SER B 172 -7.45 1.76 -16.62
N TYR B 173 -7.94 1.60 -15.40
CA TYR B 173 -7.26 2.07 -14.20
C TYR B 173 -7.10 0.92 -13.23
N HIS B 174 -5.85 0.64 -12.85
CA HIS B 174 -5.51 -0.43 -11.93
C HIS B 174 -4.56 0.00 -10.82
N GLY B 175 -4.33 1.30 -10.68
CA GLY B 175 -3.40 1.81 -9.68
C GLY B 175 -2.29 2.65 -10.24
N SER B 176 -1.40 3.04 -9.31
CA SER B 176 -0.45 4.12 -9.49
C SER B 176 1.01 3.79 -9.08
N GLY B 177 1.34 2.50 -8.98
CA GLY B 177 2.73 2.07 -8.79
C GLY B 177 3.40 1.83 -10.13
N ILE B 178 4.46 1.04 -10.11
CA ILE B 178 5.26 0.78 -11.30
C ILE B 178 4.62 -0.34 -12.10
N VAL B 179 4.43 -1.50 -11.49
CA VAL B 179 3.70 -2.58 -12.14
C VAL B 179 2.22 -2.22 -12.32
N THR B 180 1.57 -1.72 -11.27
CA THR B 180 0.14 -1.42 -11.37
C THR B 180 -0.13 -0.20 -12.27
N GLY B 181 0.79 0.77 -12.29
CA GLY B 181 0.72 1.88 -13.24
C GLY B 181 0.92 1.45 -14.69
N SER B 182 1.69 0.39 -14.91
CA SER B 182 1.78 -0.23 -16.23
C SER B 182 0.48 -0.92 -16.67
N LEU B 183 -0.21 -1.57 -15.73
CA LEU B 183 -1.50 -2.20 -16.01
C LEU B 183 -2.49 -1.11 -16.42
N THR B 184 -2.49 -0.03 -15.66
CA THR B 184 -3.25 1.18 -15.97
C THR B 184 -3.01 1.63 -17.42
N GLY B 185 -4.09 1.86 -18.16
CA GLY B 185 -4.05 2.21 -19.57
C GLY B 185 -4.26 3.68 -19.84
N LEU B 186 -4.03 4.53 -18.85
CA LEU B 186 -4.13 5.97 -19.02
C LEU B 186 -2.73 6.54 -19.00
N PRO B 187 -2.38 7.37 -19.98
CA PRO B 187 -0.99 7.81 -20.18
C PRO B 187 -0.39 8.67 -19.07
N SER B 188 -1.21 9.41 -18.34
N SER B 188 -1.22 9.41 -18.35
CA SER B 188 -0.73 10.25 -17.26
CA SER B 188 -0.76 10.25 -17.25
C SER B 188 -0.04 9.44 -16.16
C SER B 188 -0.03 9.44 -16.18
N PHE B 189 -0.47 8.20 -15.95
CA PHE B 189 0.20 7.32 -15.00
C PHE B 189 1.47 6.71 -15.55
N HIS B 190 1.74 6.93 -16.83
CA HIS B 190 2.95 6.46 -17.48
C HIS B 190 4.01 7.54 -17.62
N GLN B 191 3.59 8.80 -17.79
CA GLN B 191 4.46 9.91 -18.14
C GLN B 191 5.64 10.14 -17.18
N HIS B 192 6.86 10.11 -17.71
CA HIS B 192 8.10 10.23 -16.94
C HIS B 192 8.35 9.14 -15.89
N PHE B 193 7.65 8.01 -16.01
CA PHE B 193 7.87 6.87 -15.14
C PHE B 193 8.34 5.63 -15.87
N ASP B 194 8.63 5.74 -17.17
CA ASP B 194 9.17 4.65 -17.98
C ASP B 194 8.23 3.44 -18.04
N LEU B 195 6.93 3.73 -18.03
CA LEU B 195 5.93 2.66 -18.03
C LEU B 195 5.24 2.71 -19.40
N PRO B 196 4.58 1.63 -19.83
CA PRO B 196 4.45 0.36 -19.11
C PRO B 196 5.71 -0.50 -19.15
N ILE B 197 5.89 -1.35 -18.13
CA ILE B 197 6.92 -2.38 -18.15
C ILE B 197 6.68 -3.33 -19.32
N ASP B 198 7.75 -4.02 -19.73
CA ASP B 198 7.72 -4.86 -20.92
C ASP B 198 6.76 -6.05 -20.86
N ARG B 199 6.55 -6.62 -19.67
CA ARG B 199 5.58 -7.70 -19.49
C ARG B 199 4.11 -7.30 -19.56
N VAL B 200 3.79 -6.01 -19.64
CA VAL B 200 2.39 -5.57 -19.72
C VAL B 200 2.04 -5.14 -21.13
N LYS B 201 0.96 -5.71 -21.68
CA LYS B 201 0.45 -5.38 -23.01
C LYS B 201 -0.99 -4.90 -22.87
N HIS B 202 -1.39 -3.97 -23.74
CA HIS B 202 -2.73 -3.40 -23.70
C HIS B 202 -3.52 -3.72 -24.96
N THR B 203 -4.74 -4.22 -24.78
CA THR B 203 -5.68 -4.49 -25.88
C THR B 203 -6.72 -3.37 -25.87
N VAL B 204 -7.78 -3.52 -26.67
CA VAL B 204 -8.71 -2.40 -26.91
C VAL B 204 -9.66 -2.09 -25.74
N CYS B 205 -10.01 -0.81 -25.62
CA CYS B 205 -11.08 -0.35 -24.72
C CYS B 205 -12.44 -0.74 -25.33
N PRO B 206 -13.25 -1.53 -24.61
CA PRO B 206 -14.56 -1.96 -25.11
C PRO B 206 -15.64 -0.87 -24.94
N HIS B 207 -15.49 0.23 -25.66
CA HIS B 207 -16.45 1.31 -25.61
C HIS B 207 -17.19 1.38 -26.95
N TRP B 208 -18.36 0.79 -27.01
CA TRP B 208 -19.10 0.67 -28.27
C TRP B 208 -19.28 2.02 -28.97
N TYR B 209 -19.55 3.07 -28.20
CA TYR B 209 -19.75 4.40 -28.76
C TYR B 209 -18.59 4.87 -29.64
N ASN B 210 -17.45 4.24 -29.47
CA ASN B 210 -16.21 4.60 -30.08
C ASN B 210 -15.79 3.60 -31.10
N ALA B 211 -16.73 2.79 -31.60
CA ALA B 211 -16.36 1.62 -32.37
C ALA B 211 -15.59 1.99 -33.62
N PRO B 212 -14.96 0.98 -34.22
CA PRO B 212 -14.94 0.93 -35.67
C PRO B 212 -16.37 1.28 -36.18
N PRO B 213 -16.47 2.20 -37.20
CA PRO B 213 -17.52 3.20 -37.01
C PRO B 213 -18.81 2.87 -37.75
N GLY B 214 -19.37 1.73 -37.43
CA GLY B 214 -20.62 1.26 -38.03
C GLY B 214 -20.97 -0.18 -37.64
N MET B 215 -20.31 -0.71 -36.62
CA MET B 215 -20.58 -2.03 -36.12
C MET B 215 -21.89 -2.06 -35.34
N SER B 216 -22.56 -3.22 -35.39
CA SER B 216 -23.47 -3.62 -34.33
C SER B 216 -22.68 -3.83 -33.04
N GLU B 217 -23.39 -3.81 -31.91
CA GLU B 217 -22.79 -4.13 -30.63
C GLU B 217 -22.09 -5.49 -30.68
N ALA B 218 -22.78 -6.48 -31.24
CA ALA B 218 -22.21 -7.83 -31.39
C ALA B 218 -21.00 -7.84 -32.31
N GLN B 219 -21.07 -7.07 -33.39
CA GLN B 219 -19.92 -6.89 -34.27
C GLN B 219 -18.71 -6.27 -33.56
N PHE B 220 -18.96 -5.28 -32.70
CA PHE B 220 -17.90 -4.62 -31.96
C PHE B 220 -17.26 -5.56 -30.95
N VAL B 221 -18.07 -6.42 -30.36
CA VAL B 221 -17.58 -7.48 -29.48
C VAL B 221 -16.63 -8.38 -30.26
N ALA B 222 -17.07 -8.84 -31.43
CA ALA B 222 -16.26 -9.70 -32.30
C ALA B 222 -14.95 -9.01 -32.69
N TYR B 223 -15.00 -7.70 -32.94
CA TYR B 223 -13.80 -6.90 -33.13
C TYR B 223 -12.86 -6.94 -31.89
N CYS B 224 -13.40 -6.66 -30.70
CA CYS B 224 -12.60 -6.76 -29.46
C CYS B 224 -11.98 -8.15 -29.32
N VAL B 225 -12.77 -9.20 -29.63
CA VAL B 225 -12.30 -10.58 -29.59
C VAL B 225 -11.15 -10.83 -30.56
N GLU B 226 -11.30 -10.37 -31.80
CA GLU B 226 -10.23 -10.57 -32.78
C GLU B 226 -8.95 -9.81 -32.42
N GLU B 227 -9.09 -8.59 -31.91
CA GLU B 227 -7.93 -7.80 -31.48
C GLU B 227 -7.18 -8.47 -30.34
N LEU B 228 -7.92 -9.00 -29.37
CA LEU B 228 -7.33 -9.84 -28.32
C LEU B 228 -6.64 -11.09 -28.88
N GLU B 229 -7.28 -11.76 -29.84
CA GLU B 229 -6.71 -12.95 -30.49
C GLU B 229 -5.44 -12.62 -31.24
N LYS B 230 -5.39 -11.45 -31.87
CA LYS B 230 -4.19 -10.98 -32.56
C LYS B 230 -3.02 -10.73 -31.61
N LEU B 231 -3.30 -10.01 -30.51
CA LEU B 231 -2.31 -9.79 -29.46
C LEU B 231 -1.78 -11.13 -28.93
N ILE B 232 -2.68 -12.06 -28.63
CA ILE B 232 -2.26 -13.37 -28.12
C ILE B 232 -1.37 -14.12 -29.13
N ALA B 233 -1.74 -14.10 -30.41
CA ALA B 233 -0.95 -14.72 -31.47
C ALA B 233 0.44 -14.06 -31.61
N ARG B 234 0.52 -12.73 -31.62
CA ARG B 234 1.80 -12.02 -31.69
C ARG B 234 2.72 -12.36 -30.51
N GLU B 235 2.18 -12.31 -29.31
CA GLU B 235 2.99 -12.56 -28.11
C GLU B 235 3.22 -14.05 -27.86
N GLY B 236 2.29 -14.89 -28.28
CA GLY B 236 2.29 -16.31 -27.92
C GLY B 236 1.52 -16.55 -26.64
N ALA B 237 0.48 -17.40 -26.73
CA ALA B 237 -0.38 -17.75 -25.60
C ALA B 237 0.37 -18.32 -24.41
N ASP B 238 1.33 -19.20 -24.72
CA ASP B 238 2.19 -19.76 -23.67
C ASP B 238 3.09 -18.72 -22.95
N THR B 239 3.12 -17.44 -23.40
CA THR B 239 3.80 -16.36 -22.64
C THR B 239 2.85 -15.43 -21.84
N ILE B 240 1.55 -15.64 -21.93
CA ILE B 240 0.58 -14.77 -21.28
C ILE B 240 -0.01 -15.44 -20.04
N ALA B 241 0.29 -14.87 -18.87
CA ALA B 241 -0.21 -15.42 -17.62
C ALA B 241 -1.65 -15.02 -17.28
N ALA B 242 -2.01 -13.78 -17.60
CA ALA B 242 -3.26 -13.20 -17.12
C ALA B 242 -3.77 -12.03 -17.93
N PHE B 243 -5.08 -11.81 -17.78
CA PHE B 243 -5.82 -10.70 -18.34
C PHE B 243 -6.48 -10.04 -17.14
N ILE B 244 -6.29 -8.72 -17.00
CA ILE B 244 -6.85 -7.96 -15.88
C ILE B 244 -7.80 -6.90 -16.43
N ALA B 245 -8.95 -6.75 -15.81
CA ALA B 245 -9.95 -5.77 -16.26
C ALA B 245 -10.97 -5.39 -15.22
N GLU B 246 -11.39 -4.14 -15.29
CA GLU B 246 -12.53 -3.67 -14.52
C GLU B 246 -13.81 -4.17 -15.21
N PRO B 247 -14.77 -4.74 -14.45
CA PRO B 247 -16.00 -5.15 -15.16
C PRO B 247 -16.69 -3.98 -15.90
N VAL B 248 -16.71 -2.83 -15.22
CA VAL B 248 -17.07 -1.54 -15.81
C VAL B 248 -15.89 -0.62 -15.59
N MET B 249 -15.46 0.06 -16.65
CA MET B 249 -14.34 1.02 -16.50
C MET B 249 -14.73 2.21 -15.68
N GLY B 250 -13.90 2.57 -14.71
CA GLY B 250 -14.17 3.70 -13.82
C GLY B 250 -13.52 4.95 -14.35
N THR B 251 -12.30 5.19 -13.91
CA THR B 251 -11.61 6.44 -14.18
C THR B 251 -11.39 6.66 -15.66
N GLY B 252 -11.34 5.59 -16.44
CA GLY B 252 -11.16 5.70 -17.89
C GLY B 252 -12.34 6.18 -18.70
N GLY B 253 -13.50 6.07 -18.11
CA GLY B 253 -14.53 7.01 -18.40
C GLY B 253 -15.95 6.53 -18.18
N ILE B 254 -16.21 5.70 -17.17
CA ILE B 254 -17.53 5.12 -16.92
C ILE B 254 -18.09 4.47 -18.15
N VAL B 255 -17.51 3.31 -18.47
CA VAL B 255 -17.80 2.54 -19.67
C VAL B 255 -18.31 1.13 -19.37
N PRO B 256 -19.64 0.92 -19.45
CA PRO B 256 -20.10 -0.45 -19.33
C PRO B 256 -19.59 -1.33 -20.47
N PRO B 257 -19.45 -2.62 -20.23
CA PRO B 257 -19.04 -3.47 -21.32
C PRO B 257 -20.23 -3.68 -22.26
N PRO B 258 -19.94 -3.86 -23.57
CA PRO B 258 -21.01 -4.26 -24.48
C PRO B 258 -21.68 -5.55 -24.03
N GLN B 259 -22.97 -5.66 -24.27
CA GLN B 259 -23.66 -6.94 -24.05
C GLN B 259 -22.95 -8.03 -24.87
N GLY B 260 -22.70 -9.15 -24.22
CA GLY B 260 -21.96 -10.26 -24.84
C GLY B 260 -20.45 -10.22 -24.71
N TYR B 261 -19.88 -9.07 -24.30
CA TYR B 261 -18.42 -8.89 -24.25
C TYR B 261 -17.80 -9.89 -23.30
N TRP B 262 -18.32 -9.95 -22.08
CA TRP B 262 -17.68 -10.78 -21.05
C TRP B 262 -17.75 -12.26 -21.32
N GLU B 263 -18.85 -12.73 -21.91
CA GLU B 263 -18.99 -14.14 -22.28
C GLU B 263 -17.95 -14.50 -23.34
N ALA B 264 -17.83 -13.67 -24.36
CA ALA B 264 -16.89 -13.90 -25.48
C ALA B 264 -15.43 -13.79 -25.05
N ILE B 265 -15.10 -12.79 -24.23
CA ILE B 265 -13.70 -12.63 -23.79
C ILE B 265 -13.33 -13.81 -22.91
N GLN B 266 -14.22 -14.20 -22.01
CA GLN B 266 -13.94 -15.34 -21.15
C GLN B 266 -13.61 -16.61 -21.91
N ALA B 267 -14.31 -16.86 -23.02
CA ALA B 267 -14.05 -18.04 -23.85
C ALA B 267 -12.65 -18.02 -24.47
N VAL B 268 -12.20 -16.85 -24.90
CA VAL B 268 -10.85 -16.68 -25.45
C VAL B 268 -9.79 -16.96 -24.39
N LEU B 269 -9.97 -16.40 -23.21
CA LEU B 269 -9.01 -16.59 -22.11
C LEU B 269 -8.94 -18.06 -21.69
N ARG B 270 -10.10 -18.70 -21.54
CA ARG B 270 -10.16 -20.15 -21.21
C ARG B 270 -9.47 -21.01 -22.26
N LYS B 271 -9.70 -20.69 -23.53
CA LYS B 271 -9.06 -21.44 -24.61
C LYS B 271 -7.54 -21.37 -24.51
N HIS B 272 -7.00 -20.20 -24.20
CA HIS B 272 -5.56 -20.02 -24.10
C HIS B 272 -4.96 -20.22 -22.69
N ASP B 273 -5.78 -20.72 -21.76
CA ASP B 273 -5.36 -20.95 -20.38
C ASP B 273 -4.73 -19.70 -19.73
N ILE B 274 -5.41 -18.58 -19.87
CA ILE B 274 -4.98 -17.29 -19.34
C ILE B 274 -5.86 -16.97 -18.13
N LEU B 275 -5.25 -16.67 -16.99
CA LEU B 275 -5.98 -16.34 -15.78
C LEU B 275 -6.72 -15.03 -15.95
N LEU B 276 -7.88 -14.91 -15.32
CA LEU B 276 -8.68 -13.68 -15.38
C LEU B 276 -8.70 -13.02 -14.01
N ILE B 277 -8.27 -11.75 -13.96
CA ILE B 277 -8.28 -10.94 -12.75
C ILE B 277 -9.34 -9.90 -12.94
N ALA B 278 -10.38 -9.95 -12.12
CA ALA B 278 -11.39 -8.91 -12.07
C ALA B 278 -10.99 -7.83 -11.04
N ASP B 279 -10.73 -6.62 -11.54
CA ASP B 279 -10.51 -5.45 -10.70
C ASP B 279 -11.87 -4.85 -10.29
N GLU B 280 -12.31 -5.23 -9.09
CA GLU B 280 -13.58 -4.79 -8.51
C GLU B 280 -13.40 -3.63 -7.54
N VAL B 281 -12.32 -2.88 -7.67
CA VAL B 281 -12.05 -1.82 -6.73
C VAL B 281 -13.20 -0.81 -6.70
N VAL B 282 -13.71 -0.44 -7.87
CA VAL B 282 -14.89 0.42 -7.98
C VAL B 282 -16.20 -0.36 -7.90
N CYS B 283 -16.31 -1.42 -8.68
CA CYS B 283 -17.58 -2.17 -8.82
C CYS B 283 -17.98 -3.00 -7.61
N GLY B 284 -17.02 -3.29 -6.72
CA GLY B 284 -17.29 -4.14 -5.56
C GLY B 284 -18.24 -3.54 -4.52
N PHE B 285 -18.92 -4.44 -3.83
CA PHE B 285 -19.73 -4.11 -2.66
C PHE B 285 -20.90 -3.17 -2.97
N GLY B 286 -21.64 -3.50 -4.04
CA GLY B 286 -22.96 -2.92 -4.28
C GLY B 286 -23.06 -1.83 -5.33
N ARG B 287 -21.93 -1.28 -5.75
CA ARG B 287 -21.88 -0.08 -6.62
C ARG B 287 -22.75 -0.17 -7.87
N LEU B 288 -22.80 -1.34 -8.50
CA LEU B 288 -23.59 -1.52 -9.72
C LEU B 288 -25.01 -2.05 -9.50
N GLY B 289 -25.42 -2.21 -8.25
CA GLY B 289 -26.68 -2.88 -7.95
C GLY B 289 -26.55 -4.40 -7.88
N SER B 290 -25.32 -4.91 -7.90
CA SER B 290 -25.01 -6.32 -7.63
C SER B 290 -23.88 -6.36 -6.62
N LYS B 291 -23.61 -7.55 -6.07
CA LYS B 291 -22.51 -7.74 -5.12
C LYS B 291 -21.18 -7.26 -5.69
N THR B 292 -20.89 -7.66 -6.92
CA THR B 292 -19.71 -7.29 -7.65
C THR B 292 -20.06 -7.14 -9.12
N GLY B 293 -19.18 -6.47 -9.85
CA GLY B 293 -19.24 -6.46 -11.31
C GLY B 293 -19.22 -7.88 -11.89
N SER B 294 -18.45 -8.77 -11.27
CA SER B 294 -18.37 -10.15 -11.70
C SER B 294 -19.73 -10.84 -11.67
N GLU B 295 -20.46 -10.71 -10.55
CA GLU B 295 -21.80 -11.26 -10.47
C GLU B 295 -22.68 -10.60 -11.53
N HIS B 296 -22.63 -9.26 -11.58
CA HIS B 296 -23.46 -8.48 -12.49
C HIS B 296 -23.38 -8.96 -13.95
N TYR B 297 -22.17 -9.27 -14.43
CA TYR B 297 -21.92 -9.63 -15.83
C TYR B 297 -21.57 -11.11 -16.08
N GLY B 298 -21.72 -11.98 -15.08
CA GLY B 298 -21.41 -13.40 -15.22
C GLY B 298 -19.94 -13.73 -15.43
N ILE B 299 -19.08 -12.96 -14.80
CA ILE B 299 -17.64 -13.15 -14.93
C ILE B 299 -17.26 -14.17 -13.86
N LYS B 300 -16.38 -15.11 -14.24
CA LYS B 300 -15.87 -16.12 -13.32
C LYS B 300 -14.37 -15.93 -13.21
N PRO B 301 -13.95 -14.94 -12.44
CA PRO B 301 -12.51 -14.68 -12.34
C PRO B 301 -11.77 -15.70 -11.50
N ASP B 302 -10.47 -15.84 -11.75
CA ASP B 302 -9.60 -16.66 -10.93
C ASP B 302 -9.18 -15.88 -9.69
N LEU B 303 -9.12 -14.55 -9.85
CA LEU B 303 -8.63 -13.64 -8.84
C LEU B 303 -9.46 -12.37 -8.86
N ILE B 304 -9.73 -11.80 -7.69
CA ILE B 304 -10.46 -10.54 -7.57
C ILE B 304 -9.75 -9.55 -6.67
N THR B 305 -9.72 -8.30 -7.12
CA THR B 305 -9.17 -7.20 -6.34
C THR B 305 -10.29 -6.30 -5.82
N VAL B 306 -10.25 -6.00 -4.51
CA VAL B 306 -11.22 -5.08 -3.90
C VAL B 306 -10.56 -4.07 -2.98
N ALA B 307 -11.20 -2.90 -2.90
CA ALA B 307 -10.87 -1.89 -1.89
C ALA B 307 -12.03 -0.89 -1.82
N LYS B 308 -11.76 0.39 -1.58
CA LYS B 308 -12.79 1.43 -1.68
C LYS B 308 -14.06 1.05 -0.88
N GLY B 309 -15.09 0.55 -1.55
CA GLY B 309 -16.35 0.17 -0.88
C GLY B 309 -16.28 -0.99 0.11
N LEU B 310 -15.15 -1.69 0.12
CA LEU B 310 -14.81 -2.64 1.18
C LEU B 310 -14.98 -2.04 2.58
N THR B 311 -14.60 -0.78 2.74
CA THR B 311 -14.71 -0.07 4.00
C THR B 311 -15.45 1.26 3.90
N SER B 312 -15.91 1.60 2.70
CA SER B 312 -16.43 2.91 2.40
C SER B 312 -15.43 4.01 2.76
N ALA B 313 -14.15 3.68 2.61
CA ALA B 313 -13.04 4.55 2.96
C ALA B 313 -12.91 4.94 4.45
N TYR B 314 -13.72 4.37 5.34
CA TYR B 314 -13.61 4.69 6.78
C TYR B 314 -12.26 4.30 7.36
N ALA B 315 -11.65 3.26 6.78
CA ALA B 315 -10.27 2.91 7.08
C ALA B 315 -9.69 2.30 5.82
N PRO B 316 -8.36 2.43 5.63
CA PRO B 316 -7.79 1.87 4.41
C PRO B 316 -7.71 0.35 4.51
N LEU B 317 -8.23 -0.31 3.49
CA LEU B 317 -8.16 -1.75 3.40
C LEU B 317 -8.32 -2.17 1.95
N SER B 318 -7.53 -3.16 1.54
CA SER B 318 -7.68 -3.78 0.23
C SER B 318 -7.71 -5.28 0.46
N ALA B 319 -8.25 -6.02 -0.51
CA ALA B 319 -8.12 -7.45 -0.49
C ALA B 319 -8.00 -8.05 -1.87
N VAL B 320 -7.36 -9.21 -1.87
CA VAL B 320 -7.20 -10.06 -3.01
C VAL B 320 -8.01 -11.30 -2.66
N ILE B 321 -8.97 -11.64 -3.53
CA ILE B 321 -9.78 -12.82 -3.34
C ILE B 321 -9.30 -13.87 -4.33
N VAL B 322 -9.07 -15.08 -3.81
CA VAL B 322 -8.36 -16.15 -4.52
C VAL B 322 -9.26 -17.35 -4.71
N SER B 323 -9.44 -17.76 -5.97
CA SER B 323 -10.18 -18.97 -6.33
C SER B 323 -9.59 -20.25 -5.75
N GLU B 324 -10.43 -21.26 -5.62
CA GLU B 324 -9.99 -22.62 -5.25
C GLU B 324 -8.84 -23.12 -6.14
N LYS B 325 -8.97 -22.93 -7.45
CA LYS B 325 -7.97 -23.41 -8.39
C LYS B 325 -6.61 -22.80 -8.06
N VAL B 326 -6.56 -21.49 -7.92
CA VAL B 326 -5.32 -20.80 -7.69
C VAL B 326 -4.82 -21.07 -6.27
N TRP B 327 -5.71 -21.09 -5.30
CA TRP B 327 -5.30 -21.42 -3.93
C TRP B 327 -4.67 -22.82 -3.85
N ASP B 328 -5.18 -23.76 -4.64
CA ASP B 328 -4.62 -25.11 -4.63
C ASP B 328 -3.16 -25.12 -5.10
N VAL B 329 -2.86 -24.36 -6.15
CA VAL B 329 -1.48 -24.23 -6.62
C VAL B 329 -0.61 -23.49 -5.60
N ILE B 330 -1.14 -22.47 -4.92
CA ILE B 330 -0.40 -21.79 -3.83
C ILE B 330 -0.03 -22.80 -2.72
N GLU B 331 -0.99 -23.62 -2.31
CA GLU B 331 -0.72 -24.68 -1.33
C GLU B 331 0.40 -25.60 -1.82
N LYS B 332 0.27 -26.04 -3.07
CA LYS B 332 1.29 -26.88 -3.72
C LYS B 332 2.66 -26.23 -3.71
N GLY B 333 2.73 -24.95 -4.07
CA GLY B 333 3.98 -24.21 -4.00
C GLY B 333 4.62 -24.25 -2.61
N SER B 334 3.80 -24.09 -1.57
CA SER B 334 4.29 -24.12 -0.20
C SER B 334 4.83 -25.47 0.22
N ARG B 335 4.17 -26.56 -0.18
CA ARG B 335 4.69 -27.89 0.13
C ARG B 335 6.06 -28.09 -0.52
N GLU B 336 6.18 -27.72 -1.78
CA GLU B 336 7.41 -27.99 -2.54
C GLU B 336 8.51 -26.97 -2.29
N HIS B 337 8.16 -25.72 -2.01
CA HIS B 337 9.17 -24.67 -1.91
C HIS B 337 9.17 -23.92 -0.57
N GLY B 338 8.32 -24.33 0.37
CA GLY B 338 8.20 -23.65 1.65
C GLY B 338 7.37 -22.37 1.59
N VAL B 339 7.49 -21.60 2.65
CA VAL B 339 6.67 -20.40 2.87
C VAL B 339 6.86 -19.38 1.73
N MET B 340 5.75 -18.91 1.16
CA MET B 340 5.78 -17.85 0.13
C MET B 340 6.25 -16.55 0.77
N GLY B 341 7.20 -15.87 0.12
CA GLY B 341 7.73 -14.59 0.62
C GLY B 341 6.85 -13.42 0.21
N HIS B 342 5.72 -13.28 0.89
CA HIS B 342 4.84 -12.13 0.65
C HIS B 342 4.09 -11.70 1.90
N GLY B 343 4.13 -10.40 2.18
CA GLY B 343 3.54 -9.86 3.39
C GLY B 343 3.74 -8.35 3.51
N TRP B 344 2.73 -7.67 4.05
CA TRP B 344 2.81 -6.27 4.42
C TRP B 344 2.70 -6.26 5.94
N THR B 345 3.42 -5.34 6.59
CA THR B 345 3.38 -5.23 8.05
C THR B 345 1.95 -5.09 8.57
N TYR B 346 1.17 -4.24 7.91
CA TYR B 346 -0.21 -3.99 8.29
C TYR B 346 -1.24 -4.85 7.58
N SER B 347 -0.79 -5.94 6.96
N SER B 347 -0.79 -5.97 6.98
CA SER B 347 -1.70 -6.92 6.38
CA SER B 347 -1.70 -6.96 6.42
C SER B 347 -2.64 -7.45 7.47
C SER B 347 -2.65 -7.41 7.51
N GLY B 348 -3.95 -7.22 7.27
CA GLY B 348 -4.99 -7.71 8.19
C GLY B 348 -5.14 -6.85 9.44
N HIS B 349 -4.90 -5.55 9.27
CA HIS B 349 -4.89 -4.62 10.38
C HIS B 349 -6.25 -4.62 11.08
N PRO B 350 -6.29 -4.96 12.39
CA PRO B 350 -7.55 -5.10 13.16
C PRO B 350 -8.53 -3.96 13.04
N VAL B 351 -8.04 -2.73 13.16
CA VAL B 351 -8.90 -1.54 13.06
C VAL B 351 -9.55 -1.44 11.68
N CYS B 352 -8.75 -1.67 10.63
CA CYS B 352 -9.24 -1.63 9.26
C CYS B 352 -10.27 -2.75 9.01
N ALA B 353 -9.98 -3.94 9.52
CA ALA B 353 -10.91 -5.06 9.42
C ALA B 353 -12.24 -4.79 10.15
N ALA B 354 -12.16 -4.19 11.34
CA ALA B 354 -13.36 -3.82 12.10
C ALA B 354 -14.20 -2.81 11.34
N ALA B 355 -13.56 -1.80 10.76
CA ALA B 355 -14.23 -0.84 9.91
C ALA B 355 -14.97 -1.54 8.79
N ALA B 356 -14.31 -2.51 8.15
CA ALA B 356 -14.94 -3.26 7.07
C ALA B 356 -16.19 -4.01 7.55
N LEU B 357 -16.12 -4.65 8.71
CA LEU B 357 -17.27 -5.41 9.25
C LEU B 357 -18.47 -4.52 9.49
N ALA B 358 -18.26 -3.34 10.06
CA ALA B 358 -19.34 -2.40 10.29
C ALA B 358 -19.90 -1.88 8.98
N ASN B 359 -19.00 -1.59 8.02
CA ASN B 359 -19.40 -1.18 6.70
C ASN B 359 -20.32 -2.20 6.04
N LEU B 360 -19.94 -3.49 6.12
CA LEU B 360 -20.73 -4.57 5.56
C LEU B 360 -22.07 -4.71 6.27
N ASP B 361 -22.05 -4.61 7.60
CA ASP B 361 -23.29 -4.65 8.40
C ASP B 361 -24.28 -3.62 7.88
N ILE B 362 -23.78 -2.43 7.57
CA ILE B 362 -24.60 -1.34 7.08
C ILE B 362 -25.10 -1.57 5.64
N LEU B 363 -24.20 -1.94 4.72
CA LEU B 363 -24.60 -2.30 3.34
C LEU B 363 -25.70 -3.35 3.31
N GLU B 364 -25.56 -4.36 4.16
CA GLU B 364 -26.50 -5.50 4.20
C GLU B 364 -27.82 -5.13 4.88
N ARG B 365 -27.74 -4.54 6.07
CA ARG B 365 -28.94 -4.15 6.83
C ARG B 365 -29.83 -3.17 6.07
N GLU B 366 -29.21 -2.19 5.43
CA GLU B 366 -29.95 -1.19 4.67
C GLU B 366 -30.18 -1.58 3.22
N ASN B 367 -29.74 -2.79 2.84
CA ASN B 367 -29.86 -3.29 1.49
C ASN B 367 -29.45 -2.21 0.49
N LEU B 368 -28.24 -1.70 0.67
CA LEU B 368 -27.78 -0.61 -0.18
C LEU B 368 -27.42 -1.07 -1.58
N THR B 369 -27.19 -2.36 -1.76
CA THR B 369 -27.03 -2.94 -3.10
C THR B 369 -28.32 -2.76 -3.92
N GLY B 370 -29.47 -3.07 -3.30
CA GLY B 370 -30.79 -2.78 -3.86
C GLY B 370 -31.02 -1.31 -4.11
N ASN B 371 -30.65 -0.46 -3.15
CA ASN B 371 -30.82 0.99 -3.35
C ASN B 371 -29.97 1.46 -4.52
N ALA B 372 -28.78 0.90 -4.66
CA ALA B 372 -27.93 1.23 -5.80
C ALA B 372 -28.58 0.84 -7.12
N ALA B 373 -29.17 -0.35 -7.19
CA ALA B 373 -29.87 -0.77 -8.41
C ALA B 373 -31.03 0.21 -8.70
N ASP B 374 -31.80 0.48 -7.67
CA ASP B 374 -33.06 1.19 -7.80
C ASP B 374 -32.83 2.65 -8.14
N VAL B 375 -32.13 3.34 -7.24
CA VAL B 375 -31.85 4.79 -7.38
C VAL B 375 -30.80 5.04 -8.44
N GLY B 376 -29.94 4.06 -8.68
CA GLY B 376 -29.01 4.11 -9.82
C GLY B 376 -29.72 4.14 -11.17
N ALA B 377 -30.73 3.31 -11.36
CA ALA B 377 -31.56 3.36 -12.57
C ALA B 377 -32.26 4.72 -12.70
N TYR B 378 -32.75 5.25 -11.59
CA TYR B 378 -33.34 6.60 -11.58
C TYR B 378 -32.31 7.68 -12.00
N LEU B 379 -31.09 7.57 -11.51
CA LEU B 379 -29.99 8.46 -11.95
C LEU B 379 -29.78 8.40 -13.47
N GLN B 380 -29.72 7.18 -14.02
CA GLN B 380 -29.58 6.99 -15.47
C GLN B 380 -30.75 7.69 -16.19
N GLN B 381 -31.97 7.40 -15.74
CA GLN B 381 -33.19 7.94 -16.36
C GLN B 381 -33.11 9.46 -16.38
N ARG B 382 -32.79 10.07 -15.23
CA ARG B 382 -32.84 11.52 -15.11
C ARG B 382 -31.76 12.22 -15.92
N LEU B 383 -30.58 11.62 -15.98
CA LEU B 383 -29.51 12.12 -16.84
C LEU B 383 -29.87 12.04 -18.32
N HIS B 384 -30.48 10.93 -18.74
CA HIS B 384 -30.97 10.80 -20.13
C HIS B 384 -32.04 11.86 -20.47
N GLU B 385 -33.02 12.02 -19.60
CA GLU B 385 -34.07 13.02 -19.81
C GLU B 385 -33.50 14.43 -19.88
N ALA B 386 -32.54 14.73 -19.02
CA ALA B 386 -31.97 16.07 -18.93
C ALA B 386 -30.99 16.39 -20.05
N PHE B 387 -30.21 15.40 -20.47
CA PHE B 387 -29.07 15.62 -21.37
C PHE B 387 -29.10 14.85 -22.69
N GLY B 388 -29.89 13.77 -22.77
CA GLY B 388 -29.95 12.91 -23.95
C GLY B 388 -30.16 13.61 -25.28
N ALA B 389 -31.02 14.64 -25.28
CA ALA B 389 -31.40 15.34 -26.51
C ALA B 389 -30.44 16.46 -26.91
N HIS B 390 -29.50 16.81 -26.03
CA HIS B 390 -28.73 18.01 -26.24
C HIS B 390 -27.60 17.85 -27.27
N PRO B 391 -27.46 18.82 -28.21
CA PRO B 391 -26.50 18.67 -29.33
C PRO B 391 -25.02 18.51 -28.96
N LEU B 392 -24.65 19.04 -27.81
CA LEU B 392 -23.30 18.97 -27.27
C LEU B 392 -22.99 17.75 -26.39
N VAL B 393 -23.99 16.93 -26.11
CA VAL B 393 -23.81 15.71 -25.34
C VAL B 393 -23.75 14.53 -26.29
N GLY B 394 -22.55 13.97 -26.47
CA GLY B 394 -22.34 12.84 -27.35
C GLY B 394 -23.03 11.59 -26.85
N GLU B 395 -22.87 11.32 -25.56
CA GLU B 395 -23.44 10.12 -24.95
C GLU B 395 -23.73 10.30 -23.46
N VAL B 396 -24.86 9.74 -23.04
CA VAL B 396 -25.17 9.52 -21.64
C VAL B 396 -25.11 8.01 -21.44
N ARG B 397 -24.43 7.56 -20.38
CA ARG B 397 -24.24 6.14 -20.14
C ARG B 397 -24.06 5.87 -18.67
N GLY B 398 -24.26 4.63 -18.28
CA GLY B 398 -24.03 4.24 -16.91
C GLY B 398 -24.63 2.91 -16.57
N VAL B 399 -24.42 2.53 -15.32
CA VAL B 399 -24.84 1.26 -14.79
C VAL B 399 -24.89 1.47 -13.30
N GLY B 400 -26.01 1.11 -12.69
CA GLY B 400 -26.21 1.24 -11.26
C GLY B 400 -25.95 2.66 -10.84
N MET B 401 -25.13 2.81 -9.80
CA MET B 401 -24.80 4.13 -9.29
C MET B 401 -23.50 4.65 -9.88
N LEU B 402 -23.26 4.39 -11.17
CA LEU B 402 -22.22 5.05 -11.95
C LEU B 402 -22.85 5.62 -13.21
N ALA B 403 -22.49 6.84 -13.58
CA ALA B 403 -23.04 7.49 -14.76
C ALA B 403 -22.06 8.51 -15.28
N ALA B 404 -22.15 8.78 -16.58
CA ALA B 404 -21.31 9.79 -17.19
C ALA B 404 -21.99 10.49 -18.36
N LEU B 405 -21.55 11.72 -18.59
CA LEU B 405 -21.90 12.49 -19.78
C LEU B 405 -20.62 12.69 -20.57
N GLU B 406 -20.65 12.35 -21.86
CA GLU B 406 -19.51 12.61 -22.74
C GLU B 406 -19.91 13.69 -23.74
N PHE B 407 -19.11 14.75 -23.78
CA PHE B 407 -19.42 15.94 -24.56
C PHE B 407 -18.70 15.91 -25.90
N MET B 408 -19.38 16.35 -26.95
CA MET B 408 -18.82 16.36 -28.29
C MET B 408 -19.13 17.66 -29.01
N ALA B 409 -18.13 18.22 -29.69
CA ALA B 409 -18.28 19.44 -30.48
C ALA B 409 -19.26 19.21 -31.62
N ASP B 410 -19.13 18.07 -32.30
CA ASP B 410 -20.18 17.56 -33.17
C ASP B 410 -20.57 16.12 -32.76
N LYS B 411 -21.86 15.80 -32.88
CA LYS B 411 -22.43 14.65 -32.17
C LYS B 411 -22.52 13.47 -33.11
N GLY B 412 -23.58 13.52 -33.91
CA GLY B 412 -23.44 13.60 -35.32
C GLY B 412 -22.23 12.94 -35.95
N ALA B 413 -21.12 13.67 -36.03
CA ALA B 413 -19.88 13.17 -36.62
C ALA B 413 -18.99 12.46 -35.58
N ARG B 414 -19.49 12.38 -34.34
CA ARG B 414 -18.72 11.91 -33.19
C ARG B 414 -17.31 12.52 -33.18
N THR B 415 -17.21 13.79 -32.83
CA THR B 415 -16.02 14.60 -33.07
C THR B 415 -15.69 15.51 -31.87
N PRO B 416 -14.56 15.25 -31.17
CA PRO B 416 -14.42 15.87 -29.86
C PRO B 416 -13.87 17.30 -29.89
N PHE B 417 -14.21 18.07 -28.86
CA PHE B 417 -13.74 19.45 -28.72
C PHE B 417 -12.22 19.47 -28.68
N ASP B 418 -11.66 20.63 -29.04
CA ASP B 418 -10.24 20.88 -28.81
C ASP B 418 -9.93 20.75 -27.32
N PRO B 419 -9.07 19.78 -26.93
CA PRO B 419 -8.84 19.59 -25.49
C PRO B 419 -8.47 20.86 -24.72
N ALA B 420 -7.80 21.79 -25.39
CA ALA B 420 -7.52 23.12 -24.84
C ALA B 420 -8.78 23.87 -24.36
N LEU B 421 -9.91 23.64 -25.00
CA LEU B 421 -11.20 24.19 -24.58
C LEU B 421 -11.63 23.71 -23.20
N LYS B 422 -11.27 22.47 -22.85
CA LYS B 422 -11.49 21.93 -21.49
C LYS B 422 -12.95 22.01 -21.03
N VAL B 423 -13.84 21.39 -21.78
CA VAL B 423 -15.27 21.49 -21.53
C VAL B 423 -15.73 20.70 -20.32
N SER B 424 -15.18 19.52 -20.13
CA SER B 424 -15.61 18.67 -19.03
C SER B 424 -15.21 19.36 -17.74
N GLN B 425 -14.02 19.96 -17.74
CA GLN B 425 -13.49 20.65 -16.60
C GLN B 425 -14.24 21.94 -16.29
N LYS B 426 -14.73 22.66 -17.31
CA LYS B 426 -15.49 23.90 -17.07
C LYS B 426 -16.84 23.63 -16.47
N VAL B 427 -17.47 22.53 -16.87
CA VAL B 427 -18.75 22.12 -16.31
C VAL B 427 -18.57 21.72 -14.85
N ALA B 428 -17.53 20.94 -14.57
CA ALA B 428 -17.23 20.52 -13.19
C ALA B 428 -17.03 21.72 -12.28
N ALA B 429 -16.26 22.70 -12.75
CA ALA B 429 -15.98 23.92 -11.98
C ALA B 429 -17.27 24.68 -11.69
N ALA B 430 -18.06 24.92 -12.73
CA ALA B 430 -19.37 25.57 -12.57
C ALA B 430 -20.25 24.82 -11.58
N ALA B 431 -20.29 23.49 -11.71
CA ALA B 431 -21.07 22.66 -10.76
C ALA B 431 -20.61 22.84 -9.32
N LEU B 432 -19.29 22.91 -9.12
CA LEU B 432 -18.71 23.08 -7.78
C LEU B 432 -19.07 24.43 -7.16
N GLU B 433 -18.96 25.51 -7.93
CA GLU B 433 -19.48 26.82 -7.50
C GLU B 433 -20.94 26.75 -7.04
N ASP B 434 -21.75 25.96 -7.74
CA ASP B 434 -23.14 25.77 -7.36
C ASP B 434 -23.36 24.67 -6.30
N GLY B 435 -22.31 24.22 -5.61
CA GLY B 435 -22.46 23.27 -4.50
C GLY B 435 -22.57 21.78 -4.85
N LEU B 436 -22.11 21.40 -6.04
CA LEU B 436 -22.13 19.99 -6.46
C LEU B 436 -20.73 19.53 -6.90
N ILE B 437 -20.29 18.39 -6.35
CA ILE B 437 -19.03 17.75 -6.75
C ILE B 437 -19.31 16.59 -7.71
N VAL B 438 -18.83 16.75 -8.94
CA VAL B 438 -18.83 15.71 -9.97
C VAL B 438 -17.44 15.78 -10.59
N ARG B 439 -16.95 14.69 -11.16
CA ARG B 439 -15.57 14.65 -11.62
C ARG B 439 -15.41 14.75 -13.13
N ALA B 440 -14.56 15.67 -13.58
CA ALA B 440 -14.07 15.65 -14.97
C ALA B 440 -13.07 14.49 -15.13
N LEU B 441 -13.41 13.45 -15.88
CA LEU B 441 -12.54 12.27 -15.97
C LEU B 441 -11.34 12.52 -16.90
N PRO B 442 -10.18 11.89 -16.63
CA PRO B 442 -8.95 12.20 -17.38
C PRO B 442 -8.99 11.96 -18.89
N HIS B 443 -9.79 11.01 -19.34
CA HIS B 443 -9.95 10.75 -20.78
C HIS B 443 -11.00 11.69 -21.39
N GLY B 444 -10.63 12.45 -22.43
CA GLY B 444 -11.60 13.24 -23.21
C GLY B 444 -12.33 14.33 -22.43
N ASP B 445 -13.58 14.57 -22.80
CA ASP B 445 -14.45 15.51 -22.12
C ASP B 445 -15.59 14.71 -21.55
N ILE B 446 -15.39 14.24 -20.32
CA ILE B 446 -16.33 13.34 -19.69
C ILE B 446 -16.56 13.79 -18.26
N LEU B 447 -17.83 13.90 -17.89
CA LEU B 447 -18.22 14.27 -16.54
C LEU B 447 -18.81 13.02 -15.87
N GLY B 448 -18.20 12.60 -14.77
CA GLY B 448 -18.57 11.37 -14.07
C GLY B 448 -19.39 11.60 -12.83
N PHE B 449 -20.22 10.62 -12.50
CA PHE B 449 -21.09 10.61 -11.33
C PHE B 449 -20.90 9.26 -10.66
N ALA B 450 -20.62 9.28 -9.36
CA ALA B 450 -20.53 8.06 -8.55
C ALA B 450 -20.96 8.40 -7.12
N PRO B 451 -22.25 8.75 -6.94
CA PRO B 451 -22.72 9.17 -5.63
C PRO B 451 -22.78 8.04 -4.63
N PRO B 452 -22.89 8.38 -3.34
CA PRO B 452 -22.98 7.34 -2.35
C PRO B 452 -24.20 6.46 -2.57
N LEU B 453 -24.11 5.22 -2.14
CA LEU B 453 -25.14 4.24 -2.41
C LEU B 453 -26.42 4.49 -1.58
N VAL B 454 -26.32 5.33 -0.57
CA VAL B 454 -27.49 5.85 0.19
C VAL B 454 -28.27 6.99 -0.49
N THR B 455 -27.77 7.51 -1.60
CA THR B 455 -28.43 8.60 -2.30
C THR B 455 -29.93 8.28 -2.56
N THR B 456 -30.78 9.30 -2.36
CA THR B 456 -32.23 9.19 -2.58
C THR B 456 -32.58 9.74 -3.96
N ARG B 457 -33.80 9.41 -4.41
CA ARG B 457 -34.32 9.95 -5.66
C ARG B 457 -34.34 11.48 -5.67
N ALA B 458 -34.81 12.08 -4.57
CA ALA B 458 -34.84 13.54 -4.45
C ALA B 458 -33.44 14.15 -4.60
N GLU B 459 -32.45 13.51 -3.96
CA GLU B 459 -31.05 13.96 -4.06
C GLU B 459 -30.51 13.86 -5.50
N VAL B 460 -30.91 12.80 -6.21
CA VAL B 460 -30.57 12.68 -7.63
C VAL B 460 -31.13 13.88 -8.39
N ASP B 461 -32.41 14.18 -8.19
CA ASP B 461 -33.05 15.31 -8.90
C ASP B 461 -32.38 16.63 -8.59
N GLU B 462 -31.97 16.79 -7.34
CA GLU B 462 -31.15 17.92 -6.93
C GLU B 462 -29.79 17.95 -7.64
N ILE B 463 -29.12 16.79 -7.68
CA ILE B 463 -27.83 16.65 -8.40
C ILE B 463 -27.97 17.00 -9.88
N VAL B 464 -28.99 16.43 -10.53
CA VAL B 464 -29.19 16.63 -11.96
C VAL B 464 -29.56 18.09 -12.26
N ALA B 465 -30.39 18.70 -11.42
CA ALA B 465 -30.76 20.12 -11.60
C ALA B 465 -29.51 21.04 -11.63
N ILE B 466 -28.62 20.85 -10.65
CA ILE B 466 -27.41 21.66 -10.56
C ILE B 466 -26.49 21.41 -11.76
N ALA B 467 -26.22 20.14 -12.07
CA ALA B 467 -25.38 19.80 -13.23
C ALA B 467 -25.97 20.34 -14.53
N LYS B 468 -27.30 20.31 -14.66
CA LYS B 468 -27.97 20.85 -15.85
C LYS B 468 -27.74 22.37 -16.01
N GLU B 469 -28.00 23.12 -14.94
CA GLU B 469 -27.68 24.56 -14.90
C GLU B 469 -26.20 24.83 -15.25
N ALA B 470 -25.30 24.10 -14.59
CA ALA B 470 -23.86 24.23 -14.81
C ALA B 470 -23.49 24.06 -16.27
N PHE B 471 -24.06 23.02 -16.85
CA PHE B 471 -23.82 22.67 -18.23
C PHE B 471 -24.32 23.75 -19.21
N ASP B 472 -25.50 24.31 -18.96
CA ASP B 472 -26.04 25.36 -19.84
C ASP B 472 -25.14 26.60 -19.83
N GLU B 473 -24.76 27.01 -18.63
CA GLU B 473 -23.83 28.11 -18.45
C GLU B 473 -22.57 27.94 -19.31
N VAL B 474 -22.00 26.73 -19.34
CA VAL B 474 -20.79 26.46 -20.14
C VAL B 474 -21.11 26.32 -21.63
N ALA B 475 -22.24 25.67 -21.93
CA ALA B 475 -22.76 25.52 -23.30
C ALA B 475 -22.94 26.86 -24.03
N ASP B 476 -23.60 27.82 -23.39
CA ASP B 476 -23.75 29.15 -23.97
C ASP B 476 -22.37 29.76 -24.27
N1 PLP C . 11.44 -1.18 4.74
C2 PLP C . 11.93 -1.60 5.92
C2A PLP C . 13.30 -1.19 6.37
C3 PLP C . 11.10 -2.46 6.79
O3 PLP C . 11.58 -2.88 7.99
C4 PLP C . 9.75 -2.86 6.36
C4A PLP C . 8.92 -3.65 7.37
C5 PLP C . 9.33 -2.33 5.02
C6 PLP C . 10.21 -1.51 4.28
C5A PLP C . 8.00 -2.64 4.41
O4P PLP C . 6.97 -2.14 5.25
P PLP C . 5.45 -2.65 5.04
O1P PLP C . 4.71 -1.65 5.93
O2P PLP C . 5.18 -2.51 3.58
O3P PLP C . 5.52 -4.09 5.51
CA CA D . 11.46 -18.59 33.07
CA CA E . -9.25 8.38 26.88
C1 PEG F . 10.67 16.20 18.44
O1 PEG F . 10.23 16.57 19.73
C2 PEG F . 11.40 14.87 18.44
O2 PEG F . 12.11 14.63 19.65
C3 PEG F . 13.33 13.91 19.49
C4 PEG F . 14.20 14.07 20.73
O4 PEG F . 15.52 14.47 20.34
C1 PEG G . -3.28 12.72 28.32
O1 PEG G . -4.26 13.67 28.72
C2 PEG G . -2.95 11.80 29.49
O2 PEG G . -4.03 10.88 29.67
C3 PEG G . -3.86 9.95 30.74
C4 PEG G . -4.90 8.87 30.54
O4 PEG G . -5.28 8.26 31.78
N1 PLP H . -8.32 -0.21 -9.56
C2 PLP H . -9.40 0.54 -9.78
C2A PLP H . -10.45 0.09 -10.75
C3 PLP H . -9.56 1.84 -9.09
O3 PLP H . -10.67 2.57 -9.35
C4 PLP H . -8.52 2.30 -8.14
C4A PLP H . -8.80 3.59 -7.37
C5 PLP H . -7.34 1.33 -7.99
C6 PLP H . -7.34 0.15 -8.71
C5A PLP H . -6.21 1.63 -7.08
O4P PLP H . -6.70 1.91 -5.76
P PLP H . -5.75 2.75 -4.73
O1P PLP H . -6.42 2.46 -3.39
O2P PLP H . -4.39 2.14 -4.84
O3P PLP H . -5.84 4.17 -5.21
CA CA I . -23.72 28.82 -11.76
C1 PEG J . -27.18 -8.83 -2.80
O1 PEG J . -28.50 -8.70 -2.24
C2 PEG J . -26.21 -8.18 -1.85
O2 PEG J . -26.15 -8.98 -0.68
C3 PEG J . -25.02 -8.77 0.17
C4 PEG J . -24.72 -10.05 0.93
O4 PEG J . -25.39 -10.07 2.19
#